data_7E3J
#
_entry.id   7E3J
#
_cell.length_a   168.256
_cell.length_b   168.256
_cell.length_c   211.196
_cell.angle_alpha   90.000
_cell.angle_beta   90.000
_cell.angle_gamma   90.000
#
_symmetry.space_group_name_H-M   'I 4 2 2'
#
loop_
_entity.id
_entity.type
_entity.pdbx_description
1 polymer ACE2
2 polymer 'Spike protein S1'
3 non-polymer 'ZINC ION'
4 non-polymer 2-acetamido-2-deoxy-beta-D-glucopyranose
#
loop_
_entity_poly.entity_id
_entity_poly.type
_entity_poly.pdbx_seq_one_letter_code
_entity_poly.pdbx_strand_id
1 'polypeptide(L)'
;MQSTEDLVKTFLEKFNYEAEELSYQSSLASWNYNINITDENVQKMNNAGAKWSAFYEEQSKLAKTYPLEEIQDSTVKRQL
RALQHSGSSVLSADKNQRLNTILNSMSTIYSTGKACNPSNPQECLLLEPGLDDIMENSKDYNERLWAWEGWRSEVGKQLR
PLYEEYVALKNEMARANNYEDYGDYWRGDYEEEWENGYNYSRNQLIDDVEHTFTQIMPLYQHLHAYVRTKLMDTYPSYIS
PTGCLPAHLLGDMWGRFWTNLYPLTVPFGQKPNIDVTNAMVNQSWDARKIFKEAEKFFVSVGLPNMTQEFWENSMLTEPS
DSRKVVCHPTAWDLGKGDFRIKMCTKVTMDDFLTAHHEMGHIQYDMAYAAQPFLLRNGANEGFHEAVGEIMSLSAATPNH
LKNIGLLPPSFFEDSETEINFLLKQALTIVGTLPFTYMLEKWRWMVFKGEIPKDQWMKTWWEMKRNIVGVVEPVPHDETY
CDPASLFHVANDYSFIRYYTRTIYQFQFQEALCQIAKHEGPLHKCDISNSSEAGQKLLEMLKLGKSKPWTYALEIVVGAK
NMDVRPLLNYFEPLFTWLKEQNRNSFVGWNTDWSPYADQSIKVRISLKSALGEKAYEWNNNEMYLFRSSIAYAMRQYFSE
VKNQTIPFVEDNVWVSDLKPRISFNFFVTSPGNVSDIIPRTEVEEAIRMYRSRINDVFRLDDNSLEFLGIQPTLGPPYEP
PVT
;
A
2 'polypeptide(L)'
;TNLCPFGEVFNATRFASVYAWNRKRISNCVADYSVLYNSASFSTFKCYGVSPTKLNDLCFTNVYADSFVIRGDEVRQIAP
GQTGKIADYNYKLPDDFTGCVIAWNSNNLDSKVGGNYNYLYRLFRKSNLKPFERDISTEIYQAGSTPCNGVEGFNCYFPL
QSYGFQPTNGVGYQPYRVVVLSFELLHAPATVCGP
;
B
#
# COMPACT_ATOMS: atom_id res chain seq x y z
N MET A 1 35.58 21.02 12.23
CA MET A 1 36.28 20.61 11.02
C MET A 1 35.47 19.58 10.24
N GLN A 2 34.33 19.19 10.80
CA GLN A 2 33.42 18.23 10.18
C GLN A 2 32.11 18.93 9.90
N SER A 3 31.69 18.93 8.63
CA SER A 3 30.45 19.59 8.24
C SER A 3 29.25 18.89 8.86
N THR A 4 28.13 19.62 8.90
CA THR A 4 26.89 19.05 9.43
C THR A 4 26.44 17.85 8.62
N GLU A 5 26.54 17.94 7.28
CA GLU A 5 26.19 16.80 6.43
C GLU A 5 27.04 15.58 6.77
N ASP A 6 28.32 15.79 7.07
CA ASP A 6 29.17 14.68 7.51
C ASP A 6 28.74 14.15 8.87
N LEU A 7 28.15 15.01 9.70
CA LEU A 7 27.67 14.55 11.01
C LEU A 7 26.36 13.77 10.88
N VAL A 8 25.48 14.18 9.97
CA VAL A 8 24.24 13.43 9.79
C VAL A 8 24.48 12.14 9.04
N LYS A 9 25.49 12.11 8.15
CA LYS A 9 25.82 10.86 7.46
C LYS A 9 26.30 9.80 8.45
N THR A 10 27.15 10.21 9.41
CA THR A 10 27.52 9.31 10.49
C THR A 10 26.31 8.96 11.35
N PHE A 11 25.43 9.93 11.59
CA PHE A 11 24.23 9.68 12.39
C PHE A 11 23.29 8.73 11.69
N LEU A 12 23.20 8.81 10.36
CA LEU A 12 22.29 7.94 9.61
C LEU A 12 22.82 6.51 9.57
N GLU A 13 24.13 6.35 9.37
CA GLU A 13 24.73 5.02 9.43
C GLU A 13 24.53 4.38 10.81
N LYS A 14 24.46 5.20 11.85
CA LYS A 14 24.12 4.70 13.18
C LYS A 14 22.63 4.39 13.30
N PHE A 15 21.78 5.13 12.58
CA PHE A 15 20.36 4.86 12.58
C PHE A 15 20.02 3.65 11.72
N ASN A 16 20.72 3.49 10.59
CA ASN A 16 20.35 2.47 9.61
C ASN A 16 20.46 1.06 10.19
N TYR A 17 21.46 0.82 11.04
CA TYR A 17 21.79 -0.56 11.38
C TYR A 17 20.92 -1.11 12.50
N GLU A 18 20.38 -0.27 13.37
CA GLU A 18 19.42 -0.75 14.37
C GLU A 18 17.98 -0.59 13.90
N ALA A 19 17.72 0.39 13.03
CA ALA A 19 16.40 0.48 12.42
C ALA A 19 16.13 -0.71 11.52
N GLU A 20 17.16 -1.18 10.80
CA GLU A 20 16.99 -2.35 9.94
C GLU A 20 16.73 -3.62 10.75
N GLU A 21 17.23 -3.67 11.98
CA GLU A 21 17.03 -4.85 12.84
C GLU A 21 15.74 -4.76 13.65
N LEU A 22 15.45 -3.58 14.22
CA LEU A 22 14.21 -3.42 14.98
C LEU A 22 12.98 -3.49 14.09
N SER A 23 13.10 -3.06 12.83
CA SER A 23 12.00 -3.21 11.89
C SER A 23 11.83 -4.66 11.47
N TYR A 24 12.93 -5.42 11.42
CA TYR A 24 12.85 -6.84 11.08
C TYR A 24 12.19 -7.63 12.21
N GLN A 25 12.45 -7.26 13.47
CA GLN A 25 11.83 -7.95 14.59
C GLN A 25 10.34 -7.64 14.68
N SER A 26 9.92 -6.42 14.32
CA SER A 26 8.51 -6.07 14.38
C SER A 26 7.73 -6.76 13.27
N SER A 27 8.30 -6.83 12.06
CA SER A 27 7.62 -7.50 10.96
C SER A 27 7.59 -9.02 11.18
N LEU A 28 8.68 -9.58 11.68
CA LEU A 28 8.70 -11.01 11.99
C LEU A 28 7.69 -11.35 13.07
N ALA A 29 7.50 -10.46 14.05
CA ALA A 29 6.45 -10.66 15.04
C ALA A 29 5.07 -10.47 14.44
N SER A 30 4.92 -9.56 13.48
CA SER A 30 3.65 -9.37 12.81
C SER A 30 3.38 -10.46 11.79
N TRP A 31 4.43 -11.04 11.19
CA TRP A 31 4.25 -12.12 10.24
C TRP A 31 3.78 -13.40 10.94
N ASN A 32 4.46 -13.77 12.03
CA ASN A 32 4.06 -14.97 12.78
C ASN A 32 2.64 -14.84 13.31
N TYR A 33 2.18 -13.60 13.58
CA TYR A 33 0.80 -13.41 13.96
C TYR A 33 -0.15 -13.60 12.78
N ASN A 34 0.22 -13.07 11.62
CA ASN A 34 -0.67 -13.14 10.45
C ASN A 34 -0.78 -14.55 9.90
N ILE A 35 0.21 -15.41 10.12
CA ILE A 35 0.13 -16.81 9.72
C ILE A 35 -0.23 -17.73 10.88
N ASN A 36 -0.29 -17.21 12.10
CA ASN A 36 -0.78 -17.99 13.24
C ASN A 36 -1.31 -17.00 14.27
N ILE A 37 -2.63 -16.83 14.31
CA ILE A 37 -3.26 -15.87 15.22
C ILE A 37 -3.44 -16.54 16.58
N THR A 38 -2.71 -16.05 17.58
CA THR A 38 -2.91 -16.51 18.96
C THR A 38 -3.01 -15.31 19.88
N ASP A 39 -3.05 -15.54 21.19
CA ASP A 39 -3.14 -14.47 22.16
C ASP A 39 -1.79 -14.07 22.75
N GLU A 40 -0.74 -14.85 22.50
CA GLU A 40 0.62 -14.44 22.84
C GLU A 40 1.40 -13.94 21.65
N ASN A 41 0.90 -14.15 20.43
CA ASN A 41 1.54 -13.58 19.24
C ASN A 41 1.11 -12.13 19.02
N VAL A 42 -0.06 -11.75 19.51
CA VAL A 42 -0.50 -10.35 19.37
C VAL A 42 0.40 -9.44 20.20
N GLN A 43 0.73 -9.85 21.43
CA GLN A 43 1.57 -9.02 22.27
C GLN A 43 3.01 -8.99 21.76
N LYS A 44 3.52 -10.13 21.28
CA LYS A 44 4.83 -10.15 20.64
C LYS A 44 4.87 -9.18 19.47
N MET A 45 3.78 -9.07 18.72
CA MET A 45 3.69 -8.08 17.66
C MET A 45 3.58 -6.68 18.24
N ASN A 46 2.75 -6.50 19.27
CA ASN A 46 2.59 -5.18 19.89
C ASN A 46 3.83 -4.77 20.67
N ASN A 47 4.59 -5.73 21.21
CA ASN A 47 5.81 -5.40 21.91
C ASN A 47 6.89 -4.94 20.94
N ALA A 48 7.17 -5.75 19.91
CA ALA A 48 8.20 -5.38 18.95
C ALA A 48 7.80 -4.15 18.15
N GLY A 49 6.50 -3.94 17.93
CA GLY A 49 6.07 -2.72 17.27
C GLY A 49 6.25 -1.49 18.13
N ALA A 50 5.99 -1.61 19.44
CA ALA A 50 6.20 -0.49 20.34
C ALA A 50 7.68 -0.17 20.49
N LYS A 51 8.53 -1.21 20.54
CA LYS A 51 9.97 -0.99 20.60
C LYS A 51 10.49 -0.36 19.32
N TRP A 52 9.92 -0.76 18.18
CA TRP A 52 10.31 -0.16 16.91
C TRP A 52 9.81 1.27 16.80
N SER A 53 8.59 1.53 17.28
CA SER A 53 8.05 2.88 17.24
C SER A 53 8.82 3.81 18.16
N ALA A 54 9.00 3.41 19.42
CA ALA A 54 9.71 4.24 20.38
C ALA A 54 11.13 4.56 19.93
N PHE A 55 11.77 3.65 19.20
CA PHE A 55 13.09 3.93 18.67
C PHE A 55 13.04 4.94 17.54
N TYR A 56 12.02 4.83 16.66
CA TYR A 56 11.89 5.78 15.56
C TYR A 56 11.60 7.18 16.09
N GLU A 57 10.68 7.30 17.04
CA GLU A 57 10.39 8.61 17.62
C GLU A 57 11.59 9.18 18.37
N GLU A 58 12.44 8.30 18.91
CA GLU A 58 13.64 8.78 19.58
C GLU A 58 14.62 9.38 18.58
N GLN A 59 14.88 8.67 17.48
CA GLN A 59 15.76 9.20 16.45
C GLN A 59 15.13 10.37 15.70
N SER A 60 13.80 10.43 15.67
CA SER A 60 13.13 11.52 14.96
C SER A 60 13.38 12.87 15.62
N LYS A 61 13.48 12.91 16.95
CA LYS A 61 13.78 14.16 17.63
C LYS A 61 15.25 14.52 17.50
N LEU A 62 16.14 13.52 17.54
CA LEU A 62 17.56 13.77 17.31
C LEU A 62 17.82 14.19 15.86
N ALA A 63 16.90 13.91 14.95
CA ALA A 63 17.06 14.30 13.55
C ALA A 63 16.80 15.79 13.36
N LYS A 64 15.83 16.36 14.08
CA LYS A 64 15.55 17.78 13.99
C LYS A 64 16.70 18.63 14.54
N THR A 65 17.60 18.03 15.32
CA THR A 65 18.78 18.76 15.78
C THR A 65 19.62 19.25 14.61
N TYR A 66 19.58 18.53 13.49
CA TYR A 66 20.41 18.87 12.35
C TYR A 66 19.65 19.76 11.39
N PRO A 67 20.09 21.00 11.15
CA PRO A 67 19.39 21.88 10.21
C PRO A 67 19.45 21.33 8.79
N LEU A 68 18.28 21.14 8.19
CA LEU A 68 18.19 20.65 6.82
C LEU A 68 18.76 21.62 5.80
N GLU A 69 18.98 22.89 6.18
CA GLU A 69 19.46 23.87 5.23
C GLU A 69 20.93 23.64 4.89
N GLU A 70 21.75 23.27 5.87
CA GLU A 70 23.19 23.12 5.65
C GLU A 70 23.54 21.70 5.20
N ILE A 71 22.83 21.20 4.18
CA ILE A 71 23.13 19.91 3.57
C ILE A 71 22.90 20.08 2.07
N GLN A 72 23.98 20.04 1.29
CA GLN A 72 23.88 20.24 -0.15
C GLN A 72 23.73 18.94 -0.93
N ASP A 73 24.12 17.82 -0.34
CA ASP A 73 23.86 16.53 -0.98
C ASP A 73 22.36 16.27 -0.98
N SER A 74 21.92 15.54 -2.01
CA SER A 74 20.49 15.35 -2.25
C SER A 74 19.97 14.03 -1.66
N THR A 75 20.68 12.94 -1.89
CA THR A 75 20.24 11.63 -1.38
C THR A 75 20.24 11.59 0.15
N VAL A 76 21.14 12.35 0.79
CA VAL A 76 21.14 12.41 2.25
C VAL A 76 20.03 13.32 2.76
N LYS A 77 19.67 14.35 2.00
CA LYS A 77 18.62 15.26 2.42
C LYS A 77 17.27 14.55 2.52
N ARG A 78 17.04 13.53 1.69
CA ARG A 78 15.75 12.85 1.69
C ARG A 78 15.56 12.01 2.94
N GLN A 79 16.65 11.42 3.46
CA GLN A 79 16.54 10.60 4.66
C GLN A 79 16.23 11.45 5.88
N LEU A 80 16.81 12.66 5.95
CA LEU A 80 16.48 13.57 7.04
C LEU A 80 15.04 14.06 6.92
N ARG A 81 14.62 14.47 5.72
CA ARG A 81 13.26 14.95 5.53
C ARG A 81 12.24 13.88 5.88
N ALA A 82 12.57 12.61 5.63
CA ALA A 82 11.68 11.52 6.01
C ALA A 82 11.78 11.18 7.49
N LEU A 83 12.96 11.41 8.10
CA LEU A 83 13.15 11.13 9.51
C LEU A 83 12.74 12.30 10.39
N GLN A 84 13.00 13.53 9.96
CA GLN A 84 12.60 14.73 10.71
C GLN A 84 11.10 14.98 10.67
N HIS A 85 10.30 14.07 10.12
CA HIS A 85 8.85 14.21 10.09
C HIS A 85 8.28 13.59 11.35
N SER A 86 7.77 14.43 12.26
CA SER A 86 7.23 13.93 13.52
C SER A 86 5.95 13.15 13.28
N GLY A 87 4.96 13.78 12.67
CA GLY A 87 3.62 13.21 12.57
C GLY A 87 2.75 13.68 13.72
N SER A 88 2.28 12.74 14.53
CA SER A 88 1.53 13.07 15.74
C SER A 88 2.43 13.27 16.95
N SER A 89 3.75 13.28 16.76
CA SER A 89 4.69 13.54 17.85
C SER A 89 4.72 15.00 18.27
N VAL A 90 3.87 15.84 17.68
CA VAL A 90 3.83 17.27 17.96
C VAL A 90 2.73 17.65 18.95
N LEU A 91 1.96 16.68 19.42
CA LEU A 91 0.80 16.94 20.25
C LEU A 91 1.07 16.56 21.70
N SER A 92 0.21 17.05 22.58
CA SER A 92 0.31 16.71 23.99
C SER A 92 0.01 15.24 24.20
N ALA A 93 0.43 14.72 25.36
CA ALA A 93 0.05 13.37 25.74
C ALA A 93 -1.45 13.25 25.92
N ASP A 94 -2.10 14.34 26.31
CA ASP A 94 -3.56 14.35 26.42
C ASP A 94 -4.21 14.26 25.04
N LYS A 95 -3.81 15.14 24.12
CA LYS A 95 -4.43 15.17 22.81
C LYS A 95 -4.03 13.97 21.96
N ASN A 96 -2.88 13.36 22.22
CA ASN A 96 -2.42 12.27 21.36
C ASN A 96 -3.26 11.01 21.55
N GLN A 97 -3.42 10.57 22.80
CA GLN A 97 -4.15 9.32 23.06
C GLN A 97 -5.66 9.53 22.93
N ARG A 98 -6.15 10.75 23.21
CA ARG A 98 -7.54 11.05 22.88
C ARG A 98 -7.76 10.91 21.37
N LEU A 99 -6.77 11.33 20.58
CA LEU A 99 -6.84 11.09 19.14
C LEU A 99 -6.75 9.60 18.83
N ASN A 100 -5.86 8.88 19.51
CA ASN A 100 -5.79 7.44 19.33
C ASN A 100 -7.06 6.75 19.81
N THR A 101 -7.71 7.31 20.84
CA THR A 101 -8.97 6.75 21.31
C THR A 101 -10.05 6.82 20.23
N ILE A 102 -10.07 7.92 19.48
CA ILE A 102 -11.08 8.08 18.43
C ILE A 102 -10.81 7.15 17.26
N LEU A 103 -9.54 7.04 16.85
CA LEU A 103 -9.20 6.19 15.71
C LEU A 103 -9.49 4.72 16.00
N ASN A 104 -9.15 4.26 17.21
CA ASN A 104 -9.49 2.90 17.59
C ASN A 104 -11.00 2.71 17.66
N SER A 105 -11.71 3.71 18.19
CA SER A 105 -13.18 3.61 18.29
C SER A 105 -13.81 3.52 16.91
N MET A 106 -13.39 4.42 16.00
CA MET A 106 -13.96 4.41 14.65
C MET A 106 -13.66 3.10 13.92
N SER A 107 -12.59 2.41 14.30
CA SER A 107 -12.24 1.15 13.65
C SER A 107 -13.11 0.01 14.15
N THR A 108 -13.33 -0.08 15.46
CA THR A 108 -14.18 -1.15 15.99
C THR A 108 -15.65 -0.93 15.62
N ILE A 109 -16.11 0.32 15.67
CA ILE A 109 -17.48 0.61 15.27
C ILE A 109 -17.70 0.24 13.80
N TYR A 110 -16.66 0.41 12.97
CA TYR A 110 -16.77 0.02 11.57
C TYR A 110 -16.72 -1.50 11.42
N SER A 111 -15.86 -2.17 12.19
CA SER A 111 -15.66 -3.60 12.05
C SER A 111 -16.62 -4.45 12.86
N THR A 112 -17.26 -3.88 13.89
CA THR A 112 -18.22 -4.60 14.70
C THR A 112 -19.64 -4.06 14.60
N GLY A 113 -19.84 -2.92 13.95
CA GLY A 113 -21.19 -2.38 13.80
C GLY A 113 -22.03 -3.24 12.87
N LYS A 114 -23.33 -3.26 13.15
CA LYS A 114 -24.27 -4.10 12.41
C LYS A 114 -25.46 -3.27 11.97
N ALA A 115 -26.25 -3.86 11.06
CA ALA A 115 -27.51 -3.28 10.59
C ALA A 115 -28.55 -4.39 10.57
N CYS A 116 -29.65 -4.19 11.27
CA CYS A 116 -30.66 -5.22 11.45
C CYS A 116 -31.79 -5.06 10.44
N ASN A 117 -32.31 -6.20 9.98
CA ASN A 117 -33.37 -6.19 8.97
C ASN A 117 -34.66 -5.66 9.59
N PRO A 118 -35.30 -4.64 8.98
CA PRO A 118 -36.58 -4.16 9.51
C PRO A 118 -37.67 -5.22 9.55
N SER A 119 -37.58 -6.27 8.72
CA SER A 119 -38.56 -7.34 8.75
C SER A 119 -38.29 -8.34 9.87
N ASN A 120 -37.08 -8.37 10.41
CA ASN A 120 -36.73 -9.28 11.50
C ASN A 120 -35.63 -8.61 12.33
N PRO A 121 -35.99 -8.03 13.48
CA PRO A 121 -34.99 -7.33 14.28
C PRO A 121 -33.90 -8.24 14.83
N GLN A 122 -34.11 -9.55 14.84
CA GLN A 122 -33.11 -10.49 15.33
C GLN A 122 -32.07 -10.86 14.28
N GLU A 123 -32.25 -10.40 13.03
CA GLU A 123 -31.27 -10.63 11.98
C GLU A 123 -30.47 -9.34 11.79
N CYS A 124 -29.45 -9.18 12.61
CA CYS A 124 -28.54 -8.04 12.53
C CYS A 124 -27.29 -8.47 11.79
N LEU A 125 -26.98 -7.77 10.71
CA LEU A 125 -25.93 -8.17 9.78
C LEU A 125 -24.75 -7.23 9.87
N LEU A 126 -23.55 -7.80 9.95
CA LEU A 126 -22.34 -7.01 9.82
C LEU A 126 -22.11 -6.62 8.36
N LEU A 127 -21.11 -5.76 8.14
CA LEU A 127 -20.77 -5.39 6.77
C LEU A 127 -20.14 -6.56 6.03
N GLU A 128 -19.15 -7.21 6.65
CA GLU A 128 -18.50 -8.36 6.06
C GLU A 128 -18.80 -9.60 6.91
N PRO A 129 -19.38 -10.66 6.35
CA PRO A 129 -19.78 -10.71 4.94
C PRO A 129 -21.26 -10.35 4.73
N GLY A 130 -21.96 -10.03 5.81
CA GLY A 130 -23.40 -9.84 5.76
C GLY A 130 -23.90 -8.79 4.79
N LEU A 131 -23.59 -7.51 5.05
CA LEU A 131 -24.14 -6.45 4.22
C LEU A 131 -23.48 -6.40 2.84
N ASP A 132 -22.20 -6.79 2.74
CA ASP A 132 -21.54 -6.78 1.45
C ASP A 132 -22.12 -7.83 0.51
N ASP A 133 -22.50 -8.99 1.06
CA ASP A 133 -23.14 -10.03 0.25
C ASP A 133 -24.41 -9.49 -0.40
N ILE A 134 -25.17 -8.66 0.34
CA ILE A 134 -26.38 -8.08 -0.21
C ILE A 134 -26.03 -7.03 -1.27
N MET A 135 -25.12 -6.11 -0.94
CA MET A 135 -24.85 -5.00 -1.84
C MET A 135 -24.07 -5.42 -3.08
N GLU A 136 -23.42 -6.58 -3.07
CA GLU A 136 -22.64 -7.03 -4.21
C GLU A 136 -23.32 -8.08 -5.07
N ASN A 137 -24.43 -8.66 -4.61
CA ASN A 137 -25.03 -9.77 -5.33
C ASN A 137 -26.52 -9.58 -5.60
N SER A 138 -27.22 -8.88 -4.71
CA SER A 138 -28.67 -8.78 -4.81
C SER A 138 -29.09 -7.73 -5.84
N LYS A 139 -30.26 -7.97 -6.45
CA LYS A 139 -30.86 -7.03 -7.40
C LYS A 139 -32.22 -6.56 -6.95
N ASP A 140 -32.54 -6.68 -5.66
CA ASP A 140 -33.82 -6.24 -5.13
C ASP A 140 -33.69 -4.79 -4.64
N TYR A 141 -34.54 -3.91 -5.16
CA TYR A 141 -34.45 -2.49 -4.82
C TYR A 141 -34.60 -2.27 -3.32
N ASN A 142 -35.63 -2.86 -2.72
CA ASN A 142 -35.88 -2.64 -1.30
C ASN A 142 -34.84 -3.34 -0.44
N GLU A 143 -34.38 -4.52 -0.85
CA GLU A 143 -33.40 -5.25 -0.07
C GLU A 143 -32.08 -4.50 -0.01
N ARG A 144 -31.68 -3.87 -1.12
CA ARG A 144 -30.48 -3.06 -1.13
C ARG A 144 -30.69 -1.71 -0.45
N LEU A 145 -31.93 -1.24 -0.36
CA LEU A 145 -32.19 0.07 0.23
C LEU A 145 -32.00 0.04 1.74
N TRP A 146 -32.63 -0.94 2.41
CA TRP A 146 -32.51 -1.01 3.87
C TRP A 146 -31.08 -1.36 4.30
N ALA A 147 -30.34 -2.08 3.45
CA ALA A 147 -28.94 -2.35 3.76
C ALA A 147 -28.07 -1.11 3.54
N TRP A 148 -28.39 -0.33 2.51
CA TRP A 148 -27.65 0.90 2.26
C TRP A 148 -27.96 1.96 3.31
N GLU A 149 -29.26 2.20 3.56
CA GLU A 149 -29.64 3.20 4.55
C GLU A 149 -29.35 2.71 5.96
N GLY A 150 -29.52 1.41 6.21
CA GLY A 150 -29.26 0.89 7.54
C GLY A 150 -27.80 1.02 7.95
N TRP A 151 -26.88 0.68 7.04
CA TRP A 151 -25.46 0.77 7.37
C TRP A 151 -25.06 2.20 7.73
N ARG A 152 -25.61 3.19 7.03
CA ARG A 152 -25.27 4.57 7.28
C ARG A 152 -26.03 5.17 8.46
N SER A 153 -27.11 4.55 8.89
CA SER A 153 -27.88 5.05 10.02
C SER A 153 -27.45 4.43 11.34
N GLU A 154 -27.38 3.09 11.40
CA GLU A 154 -27.02 2.43 12.65
C GLU A 154 -25.56 2.68 13.02
N VAL A 155 -24.66 2.62 12.04
CA VAL A 155 -23.24 2.72 12.28
C VAL A 155 -22.68 4.08 11.84
N GLY A 156 -23.17 4.61 10.71
CA GLY A 156 -22.64 5.86 10.21
C GLY A 156 -22.90 7.04 11.12
N LYS A 157 -24.04 7.06 11.82
CA LYS A 157 -24.36 8.17 12.71
C LYS A 157 -23.46 8.18 13.94
N GLN A 158 -22.95 7.02 14.34
CA GLN A 158 -22.06 6.97 15.50
C GLN A 158 -20.69 7.57 15.18
N LEU A 159 -20.29 7.57 13.92
CA LEU A 159 -18.98 8.08 13.53
C LEU A 159 -18.98 9.59 13.33
N ARG A 160 -20.15 10.22 13.20
CA ARG A 160 -20.19 11.67 13.01
C ARG A 160 -19.61 12.45 14.18
N PRO A 161 -19.98 12.18 15.44
CA PRO A 161 -19.31 12.90 16.53
C PRO A 161 -17.84 12.54 16.66
N LEU A 162 -17.47 11.31 16.33
CA LEU A 162 -16.05 10.93 16.39
C LEU A 162 -15.26 11.60 15.27
N TYR A 163 -15.84 11.70 14.08
CA TYR A 163 -15.13 12.29 12.96
C TYR A 163 -14.96 13.79 13.11
N GLU A 164 -15.86 14.44 13.87
CA GLU A 164 -15.74 15.88 14.09
C GLU A 164 -14.54 16.20 14.97
N GLU A 165 -14.37 15.46 16.07
CA GLU A 165 -13.16 15.60 16.88
C GLU A 165 -11.94 15.02 16.18
N TYR A 166 -12.14 14.12 15.23
CA TYR A 166 -11.02 13.60 14.44
C TYR A 166 -10.44 14.69 13.54
N VAL A 167 -11.30 15.38 12.78
CA VAL A 167 -10.84 16.44 11.90
C VAL A 167 -10.17 17.55 12.70
N ALA A 168 -10.71 17.85 13.89
CA ALA A 168 -10.14 18.93 14.71
C ALA A 168 -8.75 18.58 15.20
N LEU A 169 -8.53 17.33 15.65
CA LEU A 169 -7.23 16.96 16.20
C LEU A 169 -6.19 16.76 15.10
N LYS A 170 -6.60 16.20 13.96
CA LYS A 170 -5.64 15.96 12.88
C LYS A 170 -5.18 17.26 12.24
N ASN A 171 -6.09 18.21 12.07
CA ASN A 171 -5.70 19.55 11.62
C ASN A 171 -4.78 20.19 12.64
N GLU A 172 -5.20 20.19 13.91
CA GLU A 172 -4.36 20.69 15.00
C GLU A 172 -2.98 20.06 14.97
N MET A 173 -2.89 18.78 14.61
CA MET A 173 -1.59 18.13 14.51
C MET A 173 -0.83 18.65 13.28
N ALA A 174 -1.50 18.76 12.14
CA ALA A 174 -0.83 19.14 10.91
C ALA A 174 -0.35 20.58 10.95
N ARG A 175 -1.12 21.47 11.57
CA ARG A 175 -0.71 22.87 11.65
C ARG A 175 0.52 23.06 12.52
N ALA A 176 0.67 22.22 13.56
CA ALA A 176 1.89 22.27 14.36
C ALA A 176 3.10 21.75 13.58
N ASN A 177 2.89 20.91 12.57
CA ASN A 177 3.95 20.48 11.68
C ASN A 177 4.18 21.46 10.53
N ASN A 178 3.70 22.70 10.67
CA ASN A 178 3.88 23.74 9.67
C ASN A 178 3.24 23.36 8.34
N TYR A 179 2.04 22.79 8.41
CA TYR A 179 1.23 22.49 7.24
C TYR A 179 -0.05 23.31 7.30
N GLU A 180 -0.73 23.39 6.15
CA GLU A 180 -2.00 24.11 6.10
C GLU A 180 -3.09 23.38 6.88
N ASP A 181 -3.38 22.14 6.50
CA ASP A 181 -4.38 21.33 7.16
C ASP A 181 -3.97 19.87 7.06
N TYR A 182 -4.88 18.97 7.45
CA TYR A 182 -4.57 17.55 7.36
C TYR A 182 -4.61 17.05 5.93
N GLY A 183 -5.41 17.69 5.07
CA GLY A 183 -5.38 17.36 3.66
C GLY A 183 -4.09 17.81 3.00
N ASP A 184 -3.60 19.00 3.36
CA ASP A 184 -2.28 19.42 2.91
C ASP A 184 -1.19 18.55 3.50
N TYR A 185 -1.44 17.98 4.69
CA TYR A 185 -0.50 17.02 5.26
C TYR A 185 -0.39 15.77 4.39
N TRP A 186 -1.53 15.29 3.89
CA TRP A 186 -1.51 14.11 3.02
C TRP A 186 -0.87 14.42 1.68
N ARG A 187 -1.12 15.63 1.15
CA ARG A 187 -0.58 15.99 -0.16
C ARG A 187 0.92 16.19 -0.15
N GLY A 188 1.56 16.21 1.03
CA GLY A 188 3.00 16.21 1.08
C GLY A 188 3.65 14.94 0.58
N ASP A 189 2.87 13.88 0.36
CA ASP A 189 3.41 12.65 -0.20
C ASP A 189 4.04 12.89 -1.56
N TYR A 190 3.40 13.74 -2.37
CA TYR A 190 3.87 14.04 -3.71
C TYR A 190 4.73 15.30 -3.77
N GLU A 191 4.85 16.04 -2.68
CA GLU A 191 5.63 17.26 -2.66
C GLU A 191 7.11 16.94 -2.84
N GLU A 192 7.76 17.67 -3.73
CA GLU A 192 9.19 17.49 -3.99
C GLU A 192 9.85 18.86 -4.14
N GLU A 193 11.00 19.04 -3.50
CA GLU A 193 11.86 20.17 -3.77
C GLU A 193 13.22 19.61 -4.16
N TRP A 194 13.35 19.29 -5.44
CA TRP A 194 14.63 18.90 -6.03
C TRP A 194 15.38 20.17 -6.42
N GLU A 195 16.41 20.05 -7.23
CA GLU A 195 17.08 21.28 -7.67
C GLU A 195 16.14 22.13 -8.51
N ASN A 196 15.85 21.68 -9.73
CA ASN A 196 14.96 22.42 -10.64
C ASN A 196 14.39 21.45 -11.66
N GLY A 197 13.16 21.73 -12.07
CA GLY A 197 12.50 20.94 -13.10
C GLY A 197 11.72 19.73 -12.62
N TYR A 198 12.34 18.91 -11.78
CA TYR A 198 11.70 17.75 -11.20
C TYR A 198 11.02 18.05 -9.87
N ASN A 199 10.78 19.32 -9.57
CA ASN A 199 10.06 19.69 -8.37
C ASN A 199 8.59 19.33 -8.49
N TYR A 200 7.88 19.44 -7.37
CA TYR A 200 6.43 19.26 -7.37
C TYR A 200 5.86 19.94 -6.13
N SER A 201 4.80 20.71 -6.32
CA SER A 201 4.14 21.42 -5.23
C SER A 201 3.06 20.54 -4.62
N ARG A 202 2.50 21.02 -3.49
CA ARG A 202 1.35 20.38 -2.90
C ARG A 202 0.04 20.89 -3.48
N ASN A 203 -0.02 22.19 -3.77
CA ASN A 203 -1.16 22.76 -4.48
C ASN A 203 -1.20 22.32 -5.94
N GLN A 204 -0.05 21.90 -6.48
CA GLN A 204 -0.04 21.41 -7.86
C GLN A 204 -0.78 20.08 -7.98
N LEU A 205 -0.73 19.24 -6.94
CA LEU A 205 -1.50 18.00 -6.94
C LEU A 205 -2.98 18.29 -7.09
N ILE A 206 -3.46 19.36 -6.45
CA ILE A 206 -4.86 19.75 -6.61
C ILE A 206 -5.14 20.11 -8.06
N ASP A 207 -4.26 20.91 -8.68
CA ASP A 207 -4.49 21.33 -10.06
C ASP A 207 -4.38 20.16 -11.03
N ASP A 208 -3.47 19.22 -10.77
CA ASP A 208 -3.28 18.10 -11.69
C ASP A 208 -4.41 17.09 -11.61
N VAL A 209 -4.99 16.92 -10.41
CA VAL A 209 -6.10 15.99 -10.27
C VAL A 209 -7.35 16.52 -10.97
N GLU A 210 -7.61 17.82 -10.87
CA GLU A 210 -8.77 18.39 -11.54
C GLU A 210 -8.59 18.40 -13.05
N HIS A 211 -7.36 18.68 -13.52
CA HIS A 211 -7.11 18.72 -14.96
C HIS A 211 -7.28 17.35 -15.58
N THR A 212 -6.80 16.30 -14.90
CA THR A 212 -6.97 14.95 -15.42
C THR A 212 -8.42 14.51 -15.36
N PHE A 213 -9.18 15.00 -14.38
CA PHE A 213 -10.56 14.53 -14.20
C PHE A 213 -11.46 15.01 -15.32
N THR A 214 -11.33 16.28 -15.73
CA THR A 214 -12.14 16.79 -16.83
C THR A 214 -11.79 16.13 -18.15
N GLN A 215 -10.61 15.50 -18.24
CA GLN A 215 -10.31 14.65 -19.38
C GLN A 215 -10.90 13.25 -19.24
N ILE A 216 -11.26 12.85 -18.02
CA ILE A 216 -11.91 11.57 -17.81
C ILE A 216 -13.43 11.67 -17.90
N MET A 217 -13.99 12.83 -17.53
CA MET A 217 -15.45 12.97 -17.48
C MET A 217 -16.15 12.66 -18.82
N PRO A 218 -15.60 12.99 -19.99
CA PRO A 218 -16.25 12.53 -21.23
C PRO A 218 -16.42 11.02 -21.30
N LEU A 219 -15.39 10.26 -20.94
CA LEU A 219 -15.52 8.81 -20.94
C LEU A 219 -16.47 8.33 -19.85
N TYR A 220 -16.51 9.03 -18.71
CA TYR A 220 -17.37 8.60 -17.62
C TYR A 220 -18.85 8.84 -17.91
N GLN A 221 -19.17 9.91 -18.63
CA GLN A 221 -20.57 10.21 -18.92
C GLN A 221 -21.20 9.16 -19.81
N HIS A 222 -20.49 8.73 -20.85
CA HIS A 222 -21.03 7.70 -21.73
C HIS A 222 -21.11 6.34 -21.03
N LEU A 223 -20.16 6.06 -20.13
CA LEU A 223 -20.29 4.87 -19.30
C LEU A 223 -21.44 5.01 -18.31
N HIS A 224 -21.60 6.19 -17.72
CA HIS A 224 -22.72 6.44 -16.83
C HIS A 224 -24.05 6.37 -17.57
N ALA A 225 -24.08 6.88 -18.82
CA ALA A 225 -25.31 6.83 -19.60
C ALA A 225 -25.65 5.40 -20.03
N TYR A 226 -24.63 4.62 -20.38
CA TYR A 226 -24.87 3.24 -20.79
C TYR A 226 -25.36 2.39 -19.62
N VAL A 227 -24.71 2.52 -18.46
CA VAL A 227 -25.14 1.76 -17.28
C VAL A 227 -26.53 2.18 -16.86
N ARG A 228 -26.84 3.47 -16.99
CA ARG A 228 -28.18 3.96 -16.63
C ARG A 228 -29.24 3.35 -17.55
N THR A 229 -28.93 3.20 -18.83
CA THR A 229 -29.89 2.62 -19.76
C THR A 229 -30.10 1.13 -19.50
N LYS A 230 -29.02 0.43 -19.14
CA LYS A 230 -29.11 -1.02 -18.95
C LYS A 230 -29.80 -1.40 -17.64
N LEU A 231 -29.62 -0.60 -16.59
CA LEU A 231 -30.27 -0.89 -15.33
C LEU A 231 -31.76 -0.57 -15.34
N MET A 232 -32.24 0.12 -16.37
CA MET A 232 -33.69 0.27 -16.56
C MET A 232 -34.35 -1.08 -16.79
N ASP A 233 -33.68 -1.96 -17.54
CA ASP A 233 -34.19 -3.30 -17.75
C ASP A 233 -34.06 -4.16 -16.50
N THR A 234 -33.17 -3.79 -15.59
CA THR A 234 -33.04 -4.47 -14.30
C THR A 234 -33.90 -3.84 -13.23
N TYR A 235 -33.91 -2.51 -13.15
CA TYR A 235 -34.75 -1.78 -12.19
C TYR A 235 -35.68 -0.83 -12.93
N PRO A 236 -36.70 -1.35 -13.60
CA PRO A 236 -37.83 -0.48 -13.94
C PRO A 236 -38.55 -0.10 -12.67
N SER A 237 -39.30 1.00 -12.76
CA SER A 237 -40.09 1.67 -11.72
C SER A 237 -39.23 2.51 -10.77
N TYR A 238 -37.92 2.62 -10.98
CA TYR A 238 -37.04 3.18 -9.97
C TYR A 238 -36.00 4.19 -10.45
N ILE A 239 -35.66 4.22 -11.74
CA ILE A 239 -34.67 5.19 -12.21
C ILE A 239 -35.23 5.89 -13.43
N SER A 240 -34.95 7.19 -13.53
CA SER A 240 -35.34 8.07 -14.61
C SER A 240 -34.21 8.24 -15.61
N PRO A 241 -34.50 8.22 -16.91
CA PRO A 241 -33.43 8.31 -17.92
C PRO A 241 -32.73 9.66 -17.97
N THR A 242 -33.07 10.60 -17.09
CA THR A 242 -32.49 11.93 -17.11
C THR A 242 -31.72 12.30 -15.85
N GLY A 243 -32.05 11.70 -14.71
CA GLY A 243 -31.44 12.06 -13.45
C GLY A 243 -30.26 11.16 -13.08
N CYS A 244 -29.78 11.35 -11.85
CA CYS A 244 -28.64 10.59 -11.36
C CYS A 244 -29.03 9.14 -11.09
N LEU A 245 -28.03 8.34 -10.74
CA LEU A 245 -28.27 6.94 -10.39
C LEU A 245 -28.42 6.79 -8.88
N PRO A 246 -29.36 5.97 -8.43
CA PRO A 246 -29.51 5.73 -6.98
C PRO A 246 -28.25 5.09 -6.42
N ALA A 247 -27.88 5.52 -5.21
CA ALA A 247 -26.61 5.11 -4.62
C ALA A 247 -26.58 3.64 -4.24
N HIS A 248 -27.73 3.02 -4.01
CA HIS A 248 -27.79 1.65 -3.53
C HIS A 248 -27.96 0.62 -4.65
N LEU A 249 -27.59 0.98 -5.89
CA LEU A 249 -27.71 0.07 -7.02
C LEU A 249 -26.43 0.07 -7.85
N LEU A 250 -25.27 0.27 -7.23
CA LEU A 250 -24.02 0.45 -7.96
C LEU A 250 -23.03 -0.68 -7.76
N GLY A 251 -23.45 -1.79 -7.16
CA GLY A 251 -22.62 -2.97 -7.07
C GLY A 251 -21.97 -3.22 -5.73
N ASP A 252 -21.96 -2.24 -4.83
CA ASP A 252 -21.42 -2.43 -3.49
C ASP A 252 -22.06 -1.39 -2.57
N MET A 253 -21.52 -1.28 -1.35
CA MET A 253 -22.15 -0.46 -0.32
C MET A 253 -22.10 1.02 -0.67
N TRP A 254 -21.00 1.48 -1.29
CA TRP A 254 -20.79 2.90 -1.53
C TRP A 254 -20.79 3.28 -3.01
N GLY A 255 -20.80 2.30 -3.92
CA GLY A 255 -20.60 2.63 -5.32
C GLY A 255 -19.14 2.81 -5.69
N ARG A 256 -18.23 2.26 -4.89
CA ARG A 256 -16.80 2.39 -5.17
C ARG A 256 -16.45 1.80 -6.53
N PHE A 257 -16.84 0.55 -6.75
CA PHE A 257 -16.62 -0.13 -8.03
C PHE A 257 -17.97 -0.56 -8.59
N TRP A 258 -18.10 -0.47 -9.92
CA TRP A 258 -19.27 -0.95 -10.63
C TRP A 258 -19.08 -2.37 -11.18
N THR A 259 -18.12 -3.11 -10.64
CA THR A 259 -17.79 -4.43 -11.18
C THR A 259 -18.97 -5.40 -11.05
N ASN A 260 -19.68 -5.35 -9.93
CA ASN A 260 -20.77 -6.30 -9.68
C ASN A 260 -22.02 -5.99 -10.51
N LEU A 261 -22.01 -4.94 -11.31
CA LEU A 261 -23.11 -4.64 -12.22
C LEU A 261 -22.88 -5.21 -13.62
N TYR A 262 -21.80 -5.96 -13.80
CA TYR A 262 -21.52 -6.53 -15.13
C TYR A 262 -22.61 -7.48 -15.62
N PRO A 263 -23.17 -8.39 -14.81
CA PRO A 263 -24.28 -9.23 -15.33
C PRO A 263 -25.49 -8.42 -15.77
N LEU A 264 -25.67 -7.22 -15.24
CA LEU A 264 -26.81 -6.38 -15.60
C LEU A 264 -26.51 -5.44 -16.76
N THR A 265 -25.24 -5.12 -17.00
CA THR A 265 -24.85 -4.21 -18.06
C THR A 265 -23.93 -4.89 -19.07
N VAL A 266 -23.94 -6.22 -19.11
CA VAL A 266 -23.11 -6.94 -20.09
C VAL A 266 -23.46 -6.47 -21.50
N PRO A 267 -22.49 -6.13 -22.34
CA PRO A 267 -22.84 -5.74 -23.72
C PRO A 267 -23.38 -6.90 -24.53
N PHE A 268 -22.68 -8.03 -24.47
CA PHE A 268 -23.08 -9.26 -25.17
C PHE A 268 -23.01 -10.40 -24.15
N GLY A 269 -24.09 -10.60 -23.41
CA GLY A 269 -24.17 -11.71 -22.47
C GLY A 269 -24.22 -13.08 -23.14
N GLN A 270 -24.49 -13.12 -24.44
CA GLN A 270 -24.45 -14.38 -25.18
C GLN A 270 -23.09 -15.04 -25.07
N LYS A 271 -22.01 -14.25 -25.10
CA LYS A 271 -20.66 -14.77 -25.07
C LYS A 271 -20.03 -14.55 -23.71
N PRO A 272 -19.48 -15.58 -23.09
CA PRO A 272 -18.77 -15.40 -21.83
C PRO A 272 -17.35 -14.90 -22.05
N ASN A 273 -16.82 -14.24 -21.04
CA ASN A 273 -15.44 -13.77 -21.09
C ASN A 273 -14.50 -14.89 -20.66
N ILE A 274 -13.20 -14.62 -20.75
CA ILE A 274 -12.19 -15.65 -20.57
C ILE A 274 -12.03 -15.95 -19.09
N ASP A 275 -12.24 -17.21 -18.71
CA ASP A 275 -11.99 -17.71 -17.36
C ASP A 275 -11.21 -19.00 -17.46
N VAL A 276 -10.05 -19.06 -16.83
CA VAL A 276 -9.15 -20.20 -16.95
C VAL A 276 -9.18 -21.07 -15.69
N THR A 277 -10.20 -20.90 -14.84
CA THR A 277 -10.27 -21.69 -13.61
C THR A 277 -10.41 -23.18 -13.91
N ASN A 278 -11.33 -23.52 -14.82
CA ASN A 278 -11.52 -24.92 -15.17
C ASN A 278 -10.30 -25.49 -15.90
N ALA A 279 -9.71 -24.70 -16.80
CA ALA A 279 -8.54 -25.15 -17.53
C ALA A 279 -7.36 -25.43 -16.62
N MET A 280 -7.34 -24.87 -15.42
CA MET A 280 -6.25 -25.09 -14.48
C MET A 280 -6.46 -26.33 -13.61
N VAL A 281 -7.70 -26.59 -13.19
CA VAL A 281 -7.94 -27.76 -12.33
C VAL A 281 -7.91 -29.04 -13.12
N ASN A 282 -8.24 -29.00 -14.42
CA ASN A 282 -8.10 -30.17 -15.27
C ASN A 282 -6.64 -30.46 -15.60
N GLN A 283 -5.79 -29.44 -15.55
CA GLN A 283 -4.36 -29.60 -15.78
C GLN A 283 -3.58 -29.84 -14.49
N SER A 284 -4.27 -30.14 -13.39
CA SER A 284 -3.63 -30.46 -12.10
C SER A 284 -2.79 -29.30 -11.58
N TRP A 285 -3.22 -28.06 -11.85
CA TRP A 285 -2.50 -26.90 -11.35
C TRP A 285 -2.71 -26.75 -9.84
N ASP A 286 -1.63 -26.42 -9.13
CA ASP A 286 -1.71 -26.17 -7.70
C ASP A 286 -1.12 -24.82 -7.35
N ALA A 287 -0.98 -24.54 -6.05
CA ALA A 287 -0.53 -23.22 -5.62
C ALA A 287 0.89 -22.93 -6.06
N ARG A 288 1.78 -23.93 -5.97
CA ARG A 288 3.18 -23.70 -6.36
C ARG A 288 3.31 -23.53 -7.87
N LYS A 289 2.49 -24.25 -8.64
CA LYS A 289 2.51 -24.08 -10.09
C LYS A 289 2.13 -22.66 -10.48
N ILE A 290 1.22 -22.04 -9.73
CA ILE A 290 0.81 -20.67 -10.04
C ILE A 290 1.98 -19.71 -9.81
N PHE A 291 2.66 -19.83 -8.67
CA PHE A 291 3.74 -18.91 -8.34
C PHE A 291 5.00 -19.20 -9.14
N LYS A 292 5.25 -20.47 -9.49
CA LYS A 292 6.42 -20.78 -10.31
C LYS A 292 6.23 -20.32 -11.74
N GLU A 293 5.01 -20.46 -12.28
CA GLU A 293 4.72 -19.93 -13.60
C GLU A 293 4.67 -18.40 -13.58
N ALA A 294 4.23 -17.82 -12.46
CA ALA A 294 4.34 -16.37 -12.30
C ALA A 294 5.80 -15.95 -12.17
N GLU A 295 6.64 -16.80 -11.57
CA GLU A 295 8.07 -16.50 -11.47
C GLU A 295 8.72 -16.52 -12.84
N LYS A 296 8.32 -17.47 -13.70
CA LYS A 296 8.87 -17.54 -15.05
C LYS A 296 8.40 -16.39 -15.93
N PHE A 297 7.36 -15.67 -15.52
CA PHE A 297 6.92 -14.50 -16.29
C PHE A 297 7.84 -13.30 -16.03
N PHE A 298 8.29 -13.13 -14.79
CA PHE A 298 9.15 -11.99 -14.47
C PHE A 298 10.57 -12.22 -14.96
N VAL A 299 11.05 -13.46 -14.92
CA VAL A 299 12.37 -13.75 -15.48
C VAL A 299 12.36 -13.69 -17.00
N SER A 300 11.19 -13.83 -17.62
CA SER A 300 11.09 -13.71 -19.08
C SER A 300 11.25 -12.27 -19.55
N VAL A 301 10.97 -11.30 -18.68
CA VAL A 301 11.12 -9.89 -19.02
C VAL A 301 12.42 -9.29 -18.51
N GLY A 302 13.28 -10.10 -17.87
CA GLY A 302 14.57 -9.65 -17.43
C GLY A 302 14.74 -9.43 -15.94
N LEU A 303 13.75 -9.80 -15.13
CA LEU A 303 13.82 -9.60 -13.70
C LEU A 303 14.36 -10.84 -13.01
N PRO A 304 14.93 -10.69 -11.81
CA PRO A 304 15.54 -11.85 -11.14
C PRO A 304 14.50 -12.85 -10.66
N ASN A 305 14.98 -14.07 -10.39
CA ASN A 305 14.14 -15.12 -9.85
C ASN A 305 13.79 -14.81 -8.40
N MET A 306 12.81 -15.55 -7.87
CA MET A 306 12.50 -15.46 -6.46
C MET A 306 13.60 -16.11 -5.63
N THR A 307 13.86 -15.54 -4.46
CA THR A 307 14.84 -16.13 -3.55
C THR A 307 14.37 -17.49 -3.07
N GLN A 308 15.32 -18.34 -2.70
CA GLN A 308 14.97 -19.64 -2.16
C GLN A 308 14.39 -19.52 -0.75
N GLU A 309 14.72 -18.40 -0.10
CA GLU A 309 14.16 -18.08 1.24
C GLU A 309 12.68 -17.74 1.05
N PHE A 310 12.31 -17.28 -0.14
CA PHE A 310 10.92 -16.95 -0.42
C PHE A 310 10.07 -18.20 -0.55
N TRP A 311 10.65 -19.30 -1.01
CA TRP A 311 9.92 -20.55 -1.19
C TRP A 311 9.87 -21.41 0.08
N GLU A 312 10.64 -21.05 1.10
CA GLU A 312 10.66 -21.82 2.35
C GLU A 312 9.88 -21.14 3.47
N ASN A 313 9.77 -19.81 3.47
CA ASN A 313 9.13 -19.08 4.54
C ASN A 313 7.77 -18.49 4.19
N SER A 314 7.49 -18.27 2.91
CA SER A 314 6.19 -17.73 2.52
C SER A 314 5.09 -18.75 2.75
N MET A 315 3.89 -18.25 3.03
CA MET A 315 2.71 -19.08 3.19
C MET A 315 1.80 -18.82 1.99
N LEU A 316 1.80 -19.74 1.04
CA LEU A 316 1.00 -19.62 -0.17
C LEU A 316 -0.28 -20.46 -0.13
N THR A 317 -0.49 -21.21 0.94
CA THR A 317 -1.71 -22.01 1.10
C THR A 317 -2.28 -21.79 2.49
N GLU A 318 -3.59 -21.98 2.61
CA GLU A 318 -4.21 -21.96 3.93
C GLU A 318 -3.84 -23.24 4.67
N PRO A 319 -3.40 -23.14 5.93
CA PRO A 319 -3.02 -24.35 6.67
C PRO A 319 -4.16 -25.35 6.75
N SER A 320 -3.83 -26.63 6.57
CA SER A 320 -4.84 -27.67 6.64
C SER A 320 -5.38 -27.84 8.06
N ASP A 321 -4.55 -27.57 9.06
CA ASP A 321 -4.85 -27.90 10.44
C ASP A 321 -5.56 -26.75 11.14
N SER A 322 -5.65 -26.82 12.47
CA SER A 322 -6.22 -25.76 13.29
C SER A 322 -5.27 -24.58 13.38
N ARG A 323 -5.45 -23.59 12.49
CA ARG A 323 -4.61 -22.39 12.53
C ARG A 323 -5.39 -21.27 11.85
N LYS A 324 -5.94 -20.37 12.66
CA LYS A 324 -6.58 -19.16 12.14
C LYS A 324 -5.52 -18.23 11.58
N VAL A 325 -5.69 -17.81 10.32
CA VAL A 325 -4.73 -16.93 9.66
C VAL A 325 -5.46 -15.76 9.02
N VAL A 326 -4.82 -14.59 9.05
CA VAL A 326 -5.20 -13.51 8.17
C VAL A 326 -4.68 -13.84 6.78
N CYS A 327 -5.57 -13.97 5.81
CA CYS A 327 -5.14 -14.17 4.43
C CYS A 327 -5.93 -13.27 3.48
N HIS A 328 -6.06 -12.01 3.86
CA HIS A 328 -6.24 -10.96 2.87
C HIS A 328 -4.90 -10.78 2.17
N PRO A 329 -4.81 -10.96 0.85
CA PRO A 329 -3.50 -11.13 0.21
C PRO A 329 -2.62 -9.91 0.37
N THR A 330 -1.40 -10.15 0.85
CA THR A 330 -0.39 -9.10 1.03
C THR A 330 0.97 -9.62 0.60
N ALA A 331 1.83 -8.70 0.19
CA ALA A 331 3.23 -8.98 -0.08
C ALA A 331 4.09 -8.33 0.99
N TRP A 332 5.06 -9.07 1.51
CA TRP A 332 5.79 -8.68 2.71
C TRP A 332 7.25 -8.42 2.38
N ASP A 333 7.73 -7.24 2.75
CA ASP A 333 9.14 -6.89 2.71
C ASP A 333 9.58 -6.74 4.17
N LEU A 334 9.96 -7.86 4.77
CA LEU A 334 10.34 -7.85 6.18
C LEU A 334 11.68 -7.16 6.41
N GLY A 335 12.53 -7.14 5.40
CA GLY A 335 13.85 -6.57 5.51
C GLY A 335 14.92 -7.63 5.64
N LYS A 336 16.17 -7.17 5.49
CA LYS A 336 17.35 -8.04 5.55
C LYS A 336 17.26 -9.17 4.54
N GLY A 337 16.79 -8.85 3.33
CA GLY A 337 16.69 -9.83 2.28
C GLY A 337 15.58 -10.84 2.47
N ASP A 338 14.58 -10.54 3.29
CA ASP A 338 13.47 -11.44 3.58
C ASP A 338 12.21 -10.89 2.93
N PHE A 339 11.78 -11.52 1.83
CA PHE A 339 10.57 -11.14 1.12
C PHE A 339 9.69 -12.37 0.98
N ARG A 340 8.43 -12.25 1.39
CA ARG A 340 7.47 -13.34 1.31
C ARG A 340 6.10 -12.81 0.92
N ILE A 341 5.21 -13.73 0.57
CA ILE A 341 3.83 -13.43 0.20
C ILE A 341 2.90 -14.30 1.03
N LYS A 342 1.87 -13.70 1.60
CA LYS A 342 0.90 -14.38 2.45
C LYS A 342 -0.45 -14.39 1.74
N MET A 343 -0.96 -15.59 1.45
CA MET A 343 -2.12 -15.70 0.57
C MET A 343 -2.78 -17.06 0.73
N CYS A 344 -4.10 -17.05 0.90
CA CYS A 344 -4.92 -18.27 0.86
C CYS A 344 -5.21 -18.61 -0.61
N THR A 345 -4.17 -19.07 -1.30
CA THR A 345 -4.25 -19.27 -2.75
C THR A 345 -5.22 -20.40 -3.08
N LYS A 346 -6.22 -20.09 -3.90
CA LYS A 346 -7.07 -21.08 -4.52
C LYS A 346 -6.71 -21.19 -5.99
N VAL A 347 -7.15 -22.28 -6.62
CA VAL A 347 -6.84 -22.52 -8.04
C VAL A 347 -7.96 -21.85 -8.83
N THR A 348 -7.81 -20.54 -9.02
CA THR A 348 -8.77 -19.73 -9.76
C THR A 348 -8.02 -18.71 -10.59
N MET A 349 -8.71 -18.15 -11.59
CA MET A 349 -8.09 -17.13 -12.42
C MET A 349 -7.81 -15.85 -11.63
N ASP A 350 -8.72 -15.49 -10.74
CA ASP A 350 -8.51 -14.29 -9.93
C ASP A 350 -7.31 -14.44 -9.01
N ASP A 351 -7.15 -15.61 -8.39
CA ASP A 351 -5.96 -15.88 -7.59
C ASP A 351 -4.72 -16.09 -8.45
N PHE A 352 -4.91 -16.34 -9.75
CA PHE A 352 -3.76 -16.47 -10.65
C PHE A 352 -3.18 -15.10 -11.00
N LEU A 353 -4.04 -14.11 -11.26
CA LEU A 353 -3.55 -12.79 -11.63
C LEU A 353 -3.15 -11.96 -10.41
N THR A 354 -3.75 -12.22 -9.26
CA THR A 354 -3.30 -11.54 -8.04
C THR A 354 -1.92 -12.02 -7.62
N ALA A 355 -1.56 -13.26 -7.97
CA ALA A 355 -0.21 -13.75 -7.71
C ALA A 355 0.83 -12.93 -8.47
N HIS A 356 0.57 -12.67 -9.75
CA HIS A 356 1.44 -11.78 -10.51
C HIS A 356 1.43 -10.37 -9.94
N HIS A 357 0.31 -9.95 -9.35
CA HIS A 357 0.23 -8.61 -8.77
C HIS A 357 1.06 -8.52 -7.51
N GLU A 358 0.91 -9.49 -6.60
CA GLU A 358 1.66 -9.46 -5.35
C GLU A 358 3.13 -9.78 -5.55
N MET A 359 3.46 -10.64 -6.53
CA MET A 359 4.86 -10.87 -6.85
C MET A 359 5.50 -9.64 -7.48
N GLY A 360 4.70 -8.82 -8.17
CA GLY A 360 5.22 -7.55 -8.65
C GLY A 360 5.63 -6.62 -7.52
N HIS A 361 4.91 -6.69 -6.39
CA HIS A 361 5.33 -5.95 -5.21
C HIS A 361 6.66 -6.47 -4.69
N ILE A 362 6.87 -7.78 -4.76
CA ILE A 362 8.13 -8.36 -4.29
C ILE A 362 9.30 -7.92 -5.16
N GLN A 363 9.11 -7.94 -6.49
CA GLN A 363 10.17 -7.52 -7.40
C GLN A 363 10.52 -6.05 -7.17
N TYR A 364 9.52 -5.22 -6.88
CA TYR A 364 9.79 -3.83 -6.53
C TYR A 364 10.55 -3.74 -5.21
N ASP A 365 10.17 -4.56 -4.23
CA ASP A 365 10.83 -4.52 -2.93
C ASP A 365 12.29 -4.93 -3.03
N MET A 366 12.58 -6.00 -3.80
CA MET A 366 13.94 -6.48 -3.93
C MET A 366 14.81 -5.53 -4.76
N ALA A 367 14.21 -4.68 -5.59
CA ALA A 367 14.99 -3.80 -6.45
C ALA A 367 15.64 -2.67 -5.65
N TYR A 368 14.83 -1.91 -4.89
CA TYR A 368 15.36 -0.83 -4.08
C TYR A 368 15.90 -1.30 -2.73
N ALA A 369 16.17 -2.60 -2.58
CA ALA A 369 16.73 -3.11 -1.34
C ALA A 369 18.17 -2.65 -1.13
N ALA A 370 18.83 -2.17 -2.18
CA ALA A 370 20.18 -1.64 -2.05
C ALA A 370 20.21 -0.20 -1.56
N GLN A 371 19.07 0.48 -1.54
CA GLN A 371 18.98 1.84 -1.04
C GLN A 371 19.05 1.86 0.49
N PRO A 372 19.35 3.01 1.08
CA PRO A 372 19.27 3.11 2.55
C PRO A 372 17.87 2.78 3.06
N PHE A 373 17.81 2.45 4.36
CA PHE A 373 16.57 1.96 4.93
C PHE A 373 15.44 2.98 4.83
N LEU A 374 15.76 4.27 4.87
CA LEU A 374 14.75 5.31 4.77
C LEU A 374 14.33 5.61 3.34
N LEU A 375 14.95 4.96 2.35
CA LEU A 375 14.60 5.16 0.95
C LEU A 375 14.08 3.88 0.30
N ARG A 376 13.71 2.88 1.11
CA ARG A 376 13.22 1.61 0.61
C ARG A 376 11.69 1.66 0.57
N ASN A 377 11.17 2.29 -0.48
CA ASN A 377 9.73 2.42 -0.68
C ASN A 377 9.52 2.94 -2.09
N GLY A 378 8.26 2.96 -2.51
CA GLY A 378 7.92 3.51 -3.82
C GLY A 378 8.24 4.99 -3.90
N ALA A 379 8.33 5.48 -5.14
CA ALA A 379 8.61 6.89 -5.36
C ALA A 379 7.55 7.77 -4.71
N ASN A 380 6.28 7.44 -4.93
CA ASN A 380 5.20 8.02 -4.14
C ASN A 380 4.30 6.91 -3.64
N GLU A 381 3.14 7.27 -3.08
CA GLU A 381 2.22 6.28 -2.51
C GLU A 381 1.44 5.50 -3.56
N GLY A 382 1.69 5.72 -4.84
CA GLY A 382 0.90 5.06 -5.87
C GLY A 382 1.71 4.21 -6.83
N PHE A 383 3.03 4.16 -6.65
CA PHE A 383 3.88 3.38 -7.55
C PHE A 383 3.78 1.89 -7.28
N HIS A 384 3.61 1.48 -6.03
CA HIS A 384 3.62 0.06 -5.68
C HIS A 384 2.44 -0.67 -6.31
N GLU A 385 1.21 -0.27 -5.97
CA GLU A 385 0.04 -0.94 -6.51
C GLU A 385 -0.12 -0.73 -8.00
N ALA A 386 0.57 0.26 -8.58
CA ALA A 386 0.53 0.43 -10.03
C ALA A 386 1.46 -0.56 -10.73
N VAL A 387 2.65 -0.80 -10.15
CA VAL A 387 3.58 -1.76 -10.74
C VAL A 387 3.00 -3.16 -10.69
N GLY A 388 2.31 -3.50 -9.60
CA GLY A 388 1.69 -4.81 -9.52
C GLY A 388 0.52 -5.00 -10.48
N GLU A 389 -0.17 -3.91 -10.81
CA GLU A 389 -1.36 -4.02 -11.65
C GLU A 389 -1.00 -4.16 -13.13
N ILE A 390 0.13 -3.61 -13.55
CA ILE A 390 0.55 -3.79 -14.94
C ILE A 390 1.02 -5.21 -15.19
N MET A 391 1.32 -5.98 -14.14
CA MET A 391 1.69 -7.38 -14.30
C MET A 391 0.46 -8.23 -14.58
N SER A 392 -0.65 -7.97 -13.89
CA SER A 392 -1.89 -8.69 -14.13
C SER A 392 -2.56 -8.28 -15.43
N LEU A 393 -2.31 -7.06 -15.91
CA LEU A 393 -2.85 -6.65 -17.20
C LEU A 393 -2.25 -7.47 -18.33
N SER A 394 -0.94 -7.73 -18.28
CA SER A 394 -0.29 -8.53 -19.31
C SER A 394 -0.51 -10.02 -19.09
N ALA A 395 -0.72 -10.45 -17.85
CA ALA A 395 -0.92 -11.87 -17.58
C ALA A 395 -2.33 -12.34 -17.91
N ALA A 396 -3.31 -11.45 -17.89
CA ALA A 396 -4.68 -11.80 -18.21
C ALA A 396 -4.98 -11.78 -19.70
N THR A 397 -3.97 -11.52 -20.54
CA THR A 397 -4.20 -11.41 -21.97
C THR A 397 -4.40 -12.78 -22.60
N PRO A 398 -5.16 -12.85 -23.70
CA PRO A 398 -5.23 -14.11 -24.45
C PRO A 398 -3.88 -14.55 -25.00
N ASN A 399 -3.00 -13.60 -25.33
CA ASN A 399 -1.69 -13.94 -25.86
C ASN A 399 -0.85 -14.67 -24.80
N HIS A 400 -0.84 -14.17 -23.57
CA HIS A 400 -0.07 -14.82 -22.52
C HIS A 400 -0.66 -16.17 -22.13
N LEU A 401 -2.00 -16.23 -22.01
CA LEU A 401 -2.64 -17.50 -21.66
C LEU A 401 -2.52 -18.51 -22.79
N LYS A 402 -2.35 -18.05 -24.02
CA LYS A 402 -2.10 -18.97 -25.14
C LYS A 402 -0.71 -19.57 -25.07
N ASN A 403 0.23 -18.87 -24.44
CA ASN A 403 1.62 -19.34 -24.39
C ASN A 403 1.88 -20.31 -23.25
N ILE A 404 1.14 -20.21 -22.14
CA ILE A 404 1.39 -21.05 -20.98
C ILE A 404 0.46 -22.25 -21.00
N GLY A 405 -0.30 -22.39 -22.08
CA GLY A 405 -1.12 -23.57 -22.29
C GLY A 405 -2.51 -23.52 -21.69
N LEU A 406 -2.89 -22.43 -21.04
CA LEU A 406 -4.22 -22.35 -20.43
C LEU A 406 -5.31 -22.02 -21.43
N LEU A 407 -4.94 -21.50 -22.60
CA LEU A 407 -5.87 -21.37 -23.70
C LEU A 407 -5.30 -22.04 -24.93
N PRO A 408 -6.13 -22.71 -25.73
CA PRO A 408 -5.62 -23.60 -26.78
C PRO A 408 -4.98 -22.80 -27.90
N PRO A 409 -4.13 -23.43 -28.71
CA PRO A 409 -3.67 -22.78 -29.95
C PRO A 409 -4.81 -22.46 -30.91
N SER A 410 -5.98 -23.07 -30.73
CA SER A 410 -7.14 -22.78 -31.55
C SER A 410 -7.98 -21.65 -30.96
N PHE A 411 -7.33 -20.53 -30.66
CA PHE A 411 -8.00 -19.40 -30.00
C PHE A 411 -8.07 -18.20 -30.92
N PHE A 412 -9.22 -17.54 -30.90
CA PHE A 412 -9.44 -16.31 -31.66
C PHE A 412 -10.45 -15.47 -30.90
N GLU A 413 -10.08 -14.22 -30.60
CA GLU A 413 -10.94 -13.31 -29.87
C GLU A 413 -11.76 -12.49 -30.86
N ASP A 414 -13.07 -12.47 -30.67
CA ASP A 414 -13.97 -11.78 -31.58
C ASP A 414 -14.11 -10.32 -31.20
N SER A 415 -14.94 -9.60 -31.95
CA SER A 415 -15.14 -8.18 -31.70
C SER A 415 -15.93 -7.94 -30.41
N GLU A 416 -16.85 -8.85 -30.08
CA GLU A 416 -17.74 -8.58 -28.96
C GLU A 416 -17.08 -8.86 -27.62
N THR A 417 -16.20 -9.86 -27.54
CA THR A 417 -15.63 -10.26 -26.26
C THR A 417 -14.70 -9.19 -25.70
N GLU A 418 -14.03 -8.42 -26.56
CA GLU A 418 -13.19 -7.33 -26.08
C GLU A 418 -14.02 -6.14 -25.62
N ILE A 419 -15.21 -5.94 -26.21
CA ILE A 419 -16.16 -4.97 -25.66
C ILE A 419 -16.63 -5.44 -24.28
N ASN A 420 -16.86 -6.74 -24.13
CA ASN A 420 -17.21 -7.28 -22.81
C ASN A 420 -16.06 -7.10 -21.83
N PHE A 421 -14.82 -7.29 -22.29
CA PHE A 421 -13.67 -7.17 -21.40
C PHE A 421 -13.41 -5.73 -21.01
N LEU A 422 -13.43 -4.82 -22.01
CA LEU A 422 -13.10 -3.43 -21.73
C LEU A 422 -14.17 -2.75 -20.88
N LEU A 423 -15.41 -3.22 -20.95
CA LEU A 423 -16.44 -2.66 -20.08
C LEU A 423 -16.29 -3.15 -18.65
N LYS A 424 -16.07 -4.46 -18.47
CA LYS A 424 -15.80 -4.99 -17.15
C LYS A 424 -14.58 -4.33 -16.52
N GLN A 425 -13.60 -3.95 -17.34
CA GLN A 425 -12.48 -3.16 -16.84
C GLN A 425 -12.91 -1.74 -16.53
N ALA A 426 -13.83 -1.18 -17.34
CA ALA A 426 -14.26 0.19 -17.12
C ALA A 426 -15.12 0.31 -15.86
N LEU A 427 -15.93 -0.71 -15.57
CA LEU A 427 -16.72 -0.68 -14.35
C LEU A 427 -15.85 -0.69 -13.11
N THR A 428 -14.64 -1.25 -13.21
CA THR A 428 -13.70 -1.30 -12.11
C THR A 428 -12.69 -0.16 -12.13
N ILE A 429 -12.16 0.18 -13.30
CA ILE A 429 -11.10 1.17 -13.40
C ILE A 429 -11.67 2.58 -13.63
N VAL A 430 -12.64 2.71 -14.54
CA VAL A 430 -13.18 4.03 -14.86
C VAL A 430 -14.24 4.44 -13.85
N GLY A 431 -15.06 3.49 -13.40
CA GLY A 431 -16.14 3.82 -12.48
C GLY A 431 -15.70 4.30 -11.12
N THR A 432 -14.49 3.94 -10.70
CA THR A 432 -13.99 4.34 -9.38
C THR A 432 -13.31 5.69 -9.38
N LEU A 433 -12.93 6.21 -10.55
CA LEU A 433 -12.19 7.48 -10.58
C LEU A 433 -13.03 8.66 -10.10
N PRO A 434 -14.26 8.88 -10.60
CA PRO A 434 -15.05 9.98 -10.04
C PRO A 434 -15.39 9.80 -8.58
N PHE A 435 -15.59 8.56 -8.13
CA PHE A 435 -15.81 8.30 -6.71
C PHE A 435 -14.55 8.61 -5.91
N THR A 436 -13.39 8.16 -6.40
CA THR A 436 -12.13 8.45 -5.73
C THR A 436 -11.80 9.94 -5.79
N TYR A 437 -12.16 10.61 -6.89
CA TYR A 437 -11.87 12.03 -7.03
C TYR A 437 -12.69 12.86 -6.04
N MET A 438 -13.96 12.50 -5.85
CA MET A 438 -14.84 13.33 -5.04
C MET A 438 -14.66 13.09 -3.55
N LEU A 439 -14.29 11.88 -3.15
CA LEU A 439 -14.11 11.59 -1.72
C LEU A 439 -12.92 12.35 -1.14
N GLU A 440 -11.83 12.43 -1.90
CA GLU A 440 -10.66 13.16 -1.42
C GLU A 440 -10.89 14.66 -1.46
N LYS A 441 -11.52 15.15 -2.54
CA LYS A 441 -11.84 16.57 -2.62
C LYS A 441 -12.76 17.00 -1.49
N TRP A 442 -13.67 16.12 -1.06
CA TRP A 442 -14.52 16.43 0.09
C TRP A 442 -13.70 16.50 1.37
N ARG A 443 -12.85 15.50 1.61
CA ARG A 443 -12.00 15.52 2.79
C ARG A 443 -11.00 16.66 2.74
N TRP A 444 -10.51 17.01 1.54
CA TRP A 444 -9.61 18.15 1.43
C TRP A 444 -10.32 19.45 1.79
N MET A 445 -11.60 19.58 1.40
CA MET A 445 -12.37 20.76 1.79
C MET A 445 -12.66 20.77 3.29
N VAL A 446 -13.02 19.61 3.85
CA VAL A 446 -13.35 19.53 5.26
C VAL A 446 -12.13 19.85 6.12
N PHE A 447 -10.97 19.29 5.77
CA PHE A 447 -9.75 19.60 6.50
C PHE A 447 -9.38 21.06 6.34
N LYS A 448 -9.59 21.61 5.15
CA LYS A 448 -9.29 23.03 4.93
C LYS A 448 -10.25 23.93 5.69
N GLY A 449 -11.45 23.45 5.99
CA GLY A 449 -12.46 24.27 6.61
C GLY A 449 -13.40 24.96 5.63
N GLU A 450 -13.37 24.57 4.35
CA GLU A 450 -14.24 25.22 3.37
C GLU A 450 -15.70 24.86 3.57
N ILE A 451 -15.99 23.65 4.03
CA ILE A 451 -17.36 23.20 4.28
C ILE A 451 -17.56 23.14 5.79
N PRO A 452 -18.49 23.92 6.35
CA PRO A 452 -18.76 23.83 7.79
C PRO A 452 -19.41 22.51 8.15
N LYS A 453 -19.32 22.17 9.44
CA LYS A 453 -19.87 20.91 9.92
C LYS A 453 -21.39 20.86 9.83
N ASP A 454 -22.06 22.01 9.82
CA ASP A 454 -23.51 22.06 9.67
C ASP A 454 -23.96 21.80 8.24
N GLN A 455 -23.02 21.63 7.29
CA GLN A 455 -23.36 21.34 5.91
C GLN A 455 -22.44 20.26 5.33
N TRP A 456 -21.91 19.40 6.20
CA TRP A 456 -21.03 18.31 5.74
C TRP A 456 -21.76 17.40 4.76
N MET A 457 -22.93 16.89 5.15
CA MET A 457 -23.69 15.98 4.31
C MET A 457 -24.40 16.70 3.18
N LYS A 458 -24.84 17.94 3.41
CA LYS A 458 -25.52 18.69 2.36
C LYS A 458 -24.57 18.97 1.20
N THR A 459 -23.29 19.19 1.47
CA THR A 459 -22.33 19.31 0.39
C THR A 459 -21.93 17.95 -0.15
N TRP A 460 -21.74 16.95 0.74
CA TRP A 460 -21.30 15.63 0.30
C TRP A 460 -22.21 15.06 -0.78
N TRP A 461 -23.53 15.25 -0.63
CA TRP A 461 -24.47 14.73 -1.61
C TRP A 461 -24.63 15.64 -2.82
N GLU A 462 -24.32 16.93 -2.68
CA GLU A 462 -24.34 17.82 -3.83
C GLU A 462 -23.22 17.50 -4.82
N MET A 463 -22.06 17.04 -4.32
CA MET A 463 -20.97 16.69 -5.22
C MET A 463 -21.13 15.28 -5.78
N LYS A 464 -21.72 14.35 -5.01
CA LYS A 464 -22.05 13.04 -5.57
C LYS A 464 -23.01 13.19 -6.74
N ARG A 465 -23.97 14.12 -6.63
CA ARG A 465 -24.89 14.37 -7.73
C ARG A 465 -24.17 15.04 -8.91
N ASN A 466 -23.33 16.03 -8.62
CA ASN A 466 -22.70 16.80 -9.69
C ASN A 466 -21.50 16.08 -10.27
N ILE A 467 -20.61 15.56 -9.43
CA ILE A 467 -19.35 14.99 -9.90
C ILE A 467 -19.56 13.53 -10.33
N VAL A 468 -20.08 12.71 -9.42
CA VAL A 468 -20.22 11.28 -9.71
C VAL A 468 -21.51 10.96 -10.46
N GLY A 469 -22.51 11.82 -10.36
CA GLY A 469 -23.80 11.52 -10.95
C GLY A 469 -24.61 10.51 -10.17
N VAL A 470 -24.52 10.56 -8.84
CA VAL A 470 -25.18 9.60 -7.96
C VAL A 470 -26.06 10.37 -6.99
N VAL A 471 -27.30 9.93 -6.83
CA VAL A 471 -28.27 10.61 -5.97
C VAL A 471 -28.60 9.72 -4.77
N GLU A 472 -28.85 10.37 -3.64
CA GLU A 472 -29.29 9.66 -2.45
C GLU A 472 -30.67 9.07 -2.67
N PRO A 473 -30.94 7.85 -2.18
CA PRO A 473 -32.33 7.36 -2.20
C PRO A 473 -33.18 8.02 -1.13
N VAL A 474 -32.57 8.47 -0.04
CA VAL A 474 -33.27 9.21 1.01
C VAL A 474 -32.36 10.29 1.56
N PRO A 475 -32.92 11.43 1.93
CA PRO A 475 -32.10 12.55 2.37
C PRO A 475 -31.46 12.28 3.72
N HIS A 476 -30.23 12.77 3.87
CA HIS A 476 -29.43 12.56 5.08
C HIS A 476 -29.07 13.92 5.66
N ASP A 477 -29.51 14.17 6.89
CA ASP A 477 -29.22 15.43 7.58
C ASP A 477 -27.82 15.37 8.16
N GLU A 478 -27.49 16.34 9.01
CA GLU A 478 -26.14 16.44 9.57
C GLU A 478 -25.91 15.49 10.74
N THR A 479 -26.80 14.52 10.95
CA THR A 479 -26.52 13.44 11.90
C THR A 479 -25.81 12.27 11.24
N TYR A 480 -25.84 12.20 9.90
CA TYR A 480 -25.13 11.19 9.14
C TYR A 480 -23.70 11.63 8.88
N CYS A 481 -22.83 10.65 8.66
CA CYS A 481 -21.47 10.88 8.19
C CYS A 481 -21.11 9.86 7.12
N ASP A 482 -22.00 9.72 6.11
CA ASP A 482 -21.90 8.73 5.03
C ASP A 482 -20.47 8.53 4.51
N PRO A 483 -19.66 9.59 4.33
CA PRO A 483 -18.25 9.33 3.97
C PRO A 483 -17.52 8.42 4.95
N ALA A 484 -17.79 8.55 6.25
CA ALA A 484 -17.13 7.70 7.23
C ALA A 484 -17.57 6.24 7.14
N SER A 485 -18.59 5.93 6.35
CA SER A 485 -19.02 4.54 6.17
C SER A 485 -18.03 3.74 5.32
N LEU A 486 -17.01 4.37 4.76
CA LEU A 486 -15.99 3.68 3.99
C LEU A 486 -14.80 3.33 4.89
N PHE A 487 -14.14 2.22 4.56
CA PHE A 487 -13.02 1.75 5.36
C PHE A 487 -11.89 2.77 5.40
N HIS A 488 -11.57 3.37 4.23
CA HIS A 488 -10.43 4.28 4.16
C HIS A 488 -10.67 5.59 4.88
N VAL A 489 -11.93 5.97 5.09
CA VAL A 489 -12.23 7.23 5.76
C VAL A 489 -12.25 7.07 7.28
N ALA A 490 -12.86 6.00 7.77
CA ALA A 490 -12.94 5.76 9.21
C ALA A 490 -11.64 5.22 9.79
N ASN A 491 -10.65 4.91 8.96
CA ASN A 491 -9.39 4.36 9.44
C ASN A 491 -8.19 5.22 9.06
N ASP A 492 -8.42 6.50 8.74
CA ASP A 492 -7.35 7.48 8.53
C ASP A 492 -6.43 7.06 7.38
N TYR A 493 -7.03 6.66 6.27
CA TYR A 493 -6.29 6.24 5.08
C TYR A 493 -6.54 7.23 3.95
N SER A 494 -5.47 7.68 3.31
CA SER A 494 -5.61 8.55 2.14
C SER A 494 -6.23 7.78 0.99
N PHE A 495 -7.01 8.48 0.18
CA PHE A 495 -7.75 7.84 -0.91
C PHE A 495 -7.28 8.25 -2.30
N ILE A 496 -6.53 9.35 -2.43
CA ILE A 496 -5.95 9.72 -3.72
C ILE A 496 -4.90 8.72 -4.15
N ARG A 497 -4.51 7.81 -3.26
CA ARG A 497 -3.64 6.70 -3.59
C ARG A 497 -4.17 5.87 -4.75
N TYR A 498 -5.48 5.66 -4.78
CA TYR A 498 -6.11 4.84 -5.82
C TYR A 498 -6.42 5.62 -7.10
N TYR A 499 -6.39 6.95 -7.05
CA TYR A 499 -6.65 7.74 -8.26
C TYR A 499 -5.38 7.90 -9.09
N THR A 500 -4.28 8.28 -8.45
CA THR A 500 -3.03 8.47 -9.19
C THR A 500 -2.45 7.14 -9.65
N ARG A 501 -2.62 6.09 -8.84
CA ARG A 501 -2.16 4.77 -9.25
C ARG A 501 -2.80 4.35 -10.56
N THR A 502 -4.10 4.63 -10.72
CA THR A 502 -4.79 4.26 -11.95
C THR A 502 -4.20 4.97 -13.16
N ILE A 503 -3.88 6.25 -13.03
CA ILE A 503 -3.21 6.96 -14.12
C ILE A 503 -1.81 6.39 -14.33
N TYR A 504 -1.14 5.97 -13.26
CA TYR A 504 0.22 5.48 -13.37
C TYR A 504 0.30 4.12 -14.05
N GLN A 505 -0.76 3.31 -13.95
CA GLN A 505 -0.74 1.97 -14.54
C GLN A 505 -0.57 2.05 -16.06
N PHE A 506 -1.53 2.67 -16.74
CA PHE A 506 -1.51 2.70 -18.20
C PHE A 506 -0.46 3.66 -18.73
N GLN A 507 0.03 4.59 -17.90
CA GLN A 507 1.20 5.36 -18.29
C GLN A 507 2.44 4.47 -18.39
N PHE A 508 2.64 3.62 -17.37
CA PHE A 508 3.70 2.62 -17.45
C PHE A 508 3.42 1.60 -18.55
N GLN A 509 2.16 1.18 -18.70
CA GLN A 509 1.83 0.09 -19.60
C GLN A 509 2.06 0.47 -21.04
N GLU A 510 1.62 1.66 -21.45
CA GLU A 510 1.80 2.08 -22.84
C GLU A 510 3.27 2.25 -23.18
N ALA A 511 4.06 2.75 -22.23
CA ALA A 511 5.48 2.97 -22.49
C ALA A 511 6.24 1.64 -22.59
N LEU A 512 5.89 0.67 -21.75
CA LEU A 512 6.60 -0.60 -21.76
C LEU A 512 6.27 -1.42 -22.99
N CYS A 513 5.07 -1.27 -23.55
CA CYS A 513 4.67 -2.06 -24.72
C CYS A 513 5.29 -1.51 -26.00
N GLN A 514 5.48 -0.18 -26.09
CA GLN A 514 6.18 0.38 -27.23
C GLN A 514 7.64 -0.08 -27.25
N ILE A 515 8.23 -0.30 -26.08
CA ILE A 515 9.56 -0.90 -26.02
C ILE A 515 9.50 -2.35 -26.47
N ALA A 516 8.41 -3.04 -26.15
CA ALA A 516 8.20 -4.42 -26.57
C ALA A 516 7.71 -4.53 -28.02
N LYS A 517 7.70 -3.42 -28.76
CA LYS A 517 7.30 -3.40 -30.17
C LYS A 517 5.89 -3.95 -30.36
N HIS A 518 5.00 -3.64 -29.42
CA HIS A 518 3.64 -4.13 -29.50
C HIS A 518 2.85 -3.34 -30.54
N GLU A 519 2.11 -4.06 -31.38
CA GLU A 519 1.24 -3.46 -32.38
C GLU A 519 -0.20 -3.85 -32.10
N GLY A 520 -1.12 -2.93 -32.40
CA GLY A 520 -2.53 -3.17 -32.18
C GLY A 520 -3.06 -2.39 -30.99
N PRO A 521 -4.26 -2.74 -30.53
CA PRO A 521 -4.84 -2.06 -29.38
C PRO A 521 -4.01 -2.25 -28.12
N LEU A 522 -4.13 -1.31 -27.19
CA LEU A 522 -3.32 -1.34 -25.99
C LEU A 522 -3.74 -2.47 -25.05
N HIS A 523 -5.04 -2.76 -24.98
CA HIS A 523 -5.52 -3.83 -24.12
C HIS A 523 -5.11 -5.21 -24.59
N LYS A 524 -4.45 -5.32 -25.74
CA LYS A 524 -3.97 -6.59 -26.26
C LYS A 524 -2.50 -6.84 -25.98
N CYS A 525 -1.81 -5.88 -25.37
CA CYS A 525 -0.36 -5.99 -25.21
C CYS A 525 0.01 -7.04 -24.16
N ASP A 526 1.22 -7.57 -24.31
CA ASP A 526 1.80 -8.49 -23.33
C ASP A 526 3.30 -8.30 -23.36
N ILE A 527 3.86 -7.95 -22.20
CA ILE A 527 5.27 -7.58 -22.09
C ILE A 527 6.12 -8.82 -21.85
N SER A 528 5.53 -10.00 -21.97
CA SER A 528 6.27 -11.24 -21.76
C SER A 528 7.37 -11.41 -22.81
N ASN A 529 8.45 -12.07 -22.41
CA ASN A 529 9.60 -12.36 -23.27
C ASN A 529 10.20 -11.09 -23.85
N SER A 530 10.14 -9.99 -23.09
CA SER A 530 10.68 -8.70 -23.52
C SER A 530 11.66 -8.22 -22.45
N SER A 531 12.95 -8.45 -22.68
CA SER A 531 13.96 -8.09 -21.69
C SER A 531 14.20 -6.58 -21.67
N GLU A 532 14.19 -5.93 -22.83
CA GLU A 532 14.43 -4.50 -22.88
C GLU A 532 13.31 -3.70 -22.24
N ALA A 533 12.14 -4.31 -22.04
CA ALA A 533 11.06 -3.62 -21.35
C ALA A 533 11.21 -3.70 -19.84
N GLY A 534 11.50 -4.91 -19.33
CA GLY A 534 11.64 -5.07 -17.89
C GLY A 534 12.87 -4.39 -17.32
N GLN A 535 13.97 -4.39 -18.08
CA GLN A 535 15.18 -3.74 -17.60
C GLN A 535 15.02 -2.22 -17.58
N LYS A 536 14.31 -1.67 -18.55
CA LYS A 536 13.93 -0.25 -18.46
C LYS A 536 12.99 -0.02 -17.28
N LEU A 537 12.10 -0.98 -17.02
CA LEU A 537 11.27 -0.91 -15.82
C LEU A 537 12.11 -1.08 -14.56
N LEU A 538 13.09 -1.99 -14.60
CA LEU A 538 13.97 -2.21 -13.45
C LEU A 538 14.79 -0.97 -13.11
N GLU A 539 15.03 -0.08 -14.08
CA GLU A 539 15.76 1.15 -13.79
C GLU A 539 15.02 2.00 -12.77
N MET A 540 13.70 2.11 -12.90
CA MET A 540 12.91 2.89 -11.94
C MET A 540 12.76 2.13 -10.62
N LEU A 541 12.61 0.80 -10.69
CA LEU A 541 12.44 0.02 -9.47
C LEU A 541 13.67 0.09 -8.57
N LYS A 542 14.84 0.28 -9.16
CA LYS A 542 16.06 0.43 -8.36
C LYS A 542 16.09 1.75 -7.60
N LEU A 543 15.51 2.80 -8.19
CA LEU A 543 15.58 4.12 -7.57
C LEU A 543 14.83 4.15 -6.25
N GLY A 544 13.66 3.51 -6.18
CA GLY A 544 12.85 3.53 -4.98
C GLY A 544 12.38 4.93 -4.63
N LYS A 545 12.89 5.47 -3.52
CA LYS A 545 12.58 6.84 -3.11
C LYS A 545 13.81 7.73 -3.10
N SER A 546 14.92 7.28 -3.70
CA SER A 546 16.14 8.07 -3.71
C SER A 546 16.06 9.27 -4.63
N LYS A 547 15.16 9.25 -5.60
CA LYS A 547 14.97 10.34 -6.56
C LYS A 547 13.50 10.75 -6.55
N PRO A 548 13.20 11.99 -6.93
CA PRO A 548 11.80 12.43 -6.95
C PRO A 548 10.97 11.60 -7.93
N TRP A 549 9.69 11.43 -7.61
CA TRP A 549 8.83 10.59 -8.42
C TRP A 549 8.63 11.14 -9.83
N THR A 550 8.84 12.45 -10.01
CA THR A 550 8.83 13.00 -11.37
C THR A 550 10.03 12.50 -12.17
N TYR A 551 11.16 12.33 -11.50
CA TYR A 551 12.32 11.72 -12.15
C TYR A 551 12.07 10.23 -12.42
N ALA A 552 11.61 9.51 -11.40
CA ALA A 552 11.36 8.08 -11.55
C ALA A 552 10.30 7.79 -12.61
N LEU A 553 9.31 8.68 -12.75
CA LEU A 553 8.29 8.48 -13.77
C LEU A 553 8.83 8.75 -15.16
N GLU A 554 9.75 9.72 -15.30
CA GLU A 554 10.28 10.06 -16.60
C GLU A 554 11.24 9.00 -17.12
N ILE A 555 11.86 8.21 -16.24
CA ILE A 555 12.75 7.14 -16.67
C ILE A 555 12.00 6.08 -17.48
N VAL A 556 10.70 5.98 -17.29
CA VAL A 556 9.89 4.94 -17.92
C VAL A 556 9.00 5.51 -19.02
N VAL A 557 8.28 6.59 -18.72
CA VAL A 557 7.28 7.11 -19.66
C VAL A 557 7.86 8.20 -20.57
N GLY A 558 8.91 8.89 -20.16
CA GLY A 558 9.40 10.03 -20.90
C GLY A 558 8.68 11.33 -20.57
N ALA A 559 7.86 11.34 -19.53
CA ALA A 559 7.17 12.54 -19.07
C ALA A 559 7.25 12.58 -17.55
N LYS A 560 7.26 13.79 -17.00
CA LYS A 560 7.46 14.00 -15.57
C LYS A 560 6.17 14.29 -14.81
N ASN A 561 5.01 14.06 -15.41
CA ASN A 561 3.76 14.40 -14.77
C ASN A 561 2.70 13.39 -15.15
N MET A 562 1.57 13.46 -14.44
CA MET A 562 0.45 12.57 -14.71
C MET A 562 -0.11 12.83 -16.10
N ASP A 563 -0.30 11.76 -16.87
CA ASP A 563 -0.89 11.87 -18.20
C ASP A 563 -2.03 10.86 -18.29
N VAL A 564 -3.26 11.37 -18.41
CA VAL A 564 -4.43 10.50 -18.53
C VAL A 564 -4.63 9.98 -19.94
N ARG A 565 -3.94 10.54 -20.92
CA ARG A 565 -4.11 10.11 -22.31
C ARG A 565 -3.86 8.63 -22.53
N PRO A 566 -2.85 7.99 -21.92
CA PRO A 566 -2.76 6.52 -22.05
C PRO A 566 -3.97 5.79 -21.48
N LEU A 567 -4.60 6.33 -20.43
CA LEU A 567 -5.79 5.69 -19.89
C LEU A 567 -6.95 5.77 -20.88
N LEU A 568 -7.19 6.96 -21.43
CA LEU A 568 -8.24 7.09 -22.45
C LEU A 568 -7.88 6.32 -23.72
N ASN A 569 -6.58 6.19 -24.02
CA ASN A 569 -6.17 5.35 -25.13
C ASN A 569 -6.48 3.89 -24.88
N TYR A 570 -6.40 3.45 -23.61
CA TYR A 570 -6.72 2.06 -23.28
C TYR A 570 -8.20 1.76 -23.46
N PHE A 571 -9.06 2.74 -23.24
CA PHE A 571 -10.51 2.54 -23.33
C PHE A 571 -11.11 3.19 -24.58
N GLU A 572 -10.28 3.56 -25.55
CA GLU A 572 -10.81 4.12 -26.79
C GLU A 572 -11.68 3.13 -27.58
N PRO A 573 -11.33 1.85 -27.70
CA PRO A 573 -12.27 0.92 -28.36
C PRO A 573 -13.63 0.83 -27.69
N LEU A 574 -13.68 1.04 -26.36
CA LEU A 574 -14.97 1.03 -25.67
C LEU A 574 -15.64 2.40 -25.76
N PHE A 575 -14.86 3.48 -25.65
CA PHE A 575 -15.42 4.82 -25.77
C PHE A 575 -16.02 5.05 -27.16
N THR A 576 -15.43 4.43 -28.19
CA THR A 576 -16.01 4.49 -29.52
C THR A 576 -17.33 3.71 -29.59
N TRP A 577 -17.43 2.62 -28.82
CA TRP A 577 -18.62 1.78 -28.86
C TRP A 577 -19.74 2.34 -28.00
N LEU A 578 -19.41 2.96 -26.87
CA LEU A 578 -20.44 3.52 -25.99
C LEU A 578 -21.15 4.70 -26.64
N LYS A 579 -20.46 5.46 -27.49
CA LYS A 579 -21.07 6.64 -28.10
C LYS A 579 -22.16 6.24 -29.10
N GLU A 580 -21.92 5.17 -29.87
CA GLU A 580 -22.96 4.69 -30.77
C GLU A 580 -24.08 3.97 -30.02
N GLN A 581 -23.81 3.48 -28.81
CA GLN A 581 -24.85 2.90 -27.98
C GLN A 581 -25.64 3.95 -27.21
N ASN A 582 -25.24 5.21 -27.28
CA ASN A 582 -25.88 6.29 -26.52
C ASN A 582 -26.40 7.40 -27.42
N ARG A 583 -26.64 7.13 -28.70
CA ARG A 583 -27.15 8.16 -29.60
C ARG A 583 -28.59 8.51 -29.26
N ASN A 584 -29.43 7.49 -29.06
CA ASN A 584 -30.83 7.69 -28.68
C ASN A 584 -31.00 7.75 -27.16
N SER A 585 -29.96 8.14 -26.44
CA SER A 585 -29.97 8.23 -24.98
C SER A 585 -29.58 9.64 -24.55
N PHE A 586 -29.67 9.87 -23.24
CA PHE A 586 -29.15 11.08 -22.62
C PHE A 586 -27.76 10.79 -22.07
N VAL A 587 -26.78 11.59 -22.47
CA VAL A 587 -25.44 11.52 -21.92
C VAL A 587 -25.32 12.66 -20.93
N GLY A 588 -25.30 12.31 -19.65
CA GLY A 588 -25.35 13.29 -18.58
C GLY A 588 -26.52 13.02 -17.64
N TRP A 589 -26.46 13.71 -16.51
CA TRP A 589 -27.46 13.57 -15.47
C TRP A 589 -27.95 14.95 -15.06
N ASN A 590 -29.18 14.99 -14.56
CA ASN A 590 -29.78 16.20 -14.03
C ASN A 590 -29.73 16.13 -12.52
N THR A 591 -29.00 17.07 -11.90
CA THR A 591 -28.77 17.04 -10.47
C THR A 591 -30.05 17.25 -9.67
N ASP A 592 -31.08 17.83 -10.27
CA ASP A 592 -32.32 18.11 -9.57
C ASP A 592 -33.02 16.83 -9.11
N TRP A 593 -32.89 15.76 -9.88
CA TRP A 593 -33.74 14.60 -9.71
C TRP A 593 -33.38 13.80 -8.46
N SER A 594 -34.38 13.13 -7.91
CA SER A 594 -34.22 12.28 -6.74
C SER A 594 -35.24 11.16 -6.82
N PRO A 595 -35.00 10.03 -6.14
CA PRO A 595 -36.02 8.98 -6.06
C PRO A 595 -37.20 9.34 -5.18
N TYR A 596 -37.20 10.50 -4.52
CA TYR A 596 -38.28 10.89 -3.63
C TYR A 596 -38.89 12.25 -3.93
N ALA A 597 -38.30 13.06 -4.82
CA ALA A 597 -38.89 14.34 -5.17
C ALA A 597 -40.22 14.20 -5.90
N ASP A 598 -40.55 13.00 -6.37
CA ASP A 598 -41.82 12.81 -7.08
C ASP A 598 -43.01 12.96 -6.15
N GLN A 599 -42.82 12.73 -4.84
CA GLN A 599 -43.93 12.76 -3.88
C GLN A 599 -43.62 13.61 -2.66
N SER A 600 -42.62 14.48 -2.73
CA SER A 600 -42.30 15.34 -1.60
C SER A 600 -43.09 16.65 -1.69
N ILE A 601 -43.16 17.34 -0.56
CA ILE A 601 -43.96 18.56 -0.43
C ILE A 601 -43.03 19.73 -0.16
N LYS A 602 -43.09 20.74 -1.03
CA LYS A 602 -42.32 21.95 -0.81
C LYS A 602 -42.91 22.76 0.35
N VAL A 603 -42.04 23.30 1.19
CA VAL A 603 -42.44 24.05 2.37
C VAL A 603 -41.61 25.32 2.45
N ARG A 604 -42.28 26.46 2.65
CA ARG A 604 -41.61 27.75 2.83
C ARG A 604 -41.96 28.26 4.23
N ILE A 605 -40.95 28.36 5.09
CA ILE A 605 -41.18 28.79 6.47
C ILE A 605 -41.48 30.28 6.50
N SER A 606 -42.44 30.66 7.34
CA SER A 606 -42.86 32.05 7.44
C SER A 606 -41.82 32.86 8.20
N LEU A 607 -41.30 33.92 7.56
CA LEU A 607 -40.39 34.86 8.21
C LEU A 607 -41.22 35.97 8.81
N LYS A 608 -41.56 35.85 10.09
CA LYS A 608 -42.38 36.85 10.77
C LYS A 608 -41.57 38.07 11.21
N SER A 609 -40.27 38.09 10.97
CA SER A 609 -39.43 39.24 11.26
C SER A 609 -38.22 39.18 10.33
N ALA A 610 -37.39 40.21 10.41
CA ALA A 610 -36.24 40.32 9.52
C ALA A 610 -35.32 39.11 9.65
N LEU A 611 -34.83 38.63 8.51
CA LEU A 611 -33.93 37.48 8.52
C LEU A 611 -32.62 37.85 9.19
N GLY A 612 -32.22 37.04 10.17
CA GLY A 612 -31.09 37.35 11.04
C GLY A 612 -31.46 37.60 12.48
N GLU A 613 -32.74 37.48 12.83
CA GLU A 613 -33.23 37.66 14.19
C GLU A 613 -33.60 36.30 14.75
N LYS A 614 -32.84 35.82 15.72
CA LYS A 614 -33.06 34.49 16.28
C LYS A 614 -34.24 34.45 17.26
N ALA A 615 -35.14 35.44 17.19
CA ALA A 615 -36.35 35.43 18.00
C ALA A 615 -37.14 34.14 17.82
N TYR A 616 -37.57 33.86 16.59
CA TYR A 616 -38.23 32.59 16.27
C TYR A 616 -37.35 31.74 15.37
N GLU A 617 -37.16 32.15 14.11
CA GLU A 617 -36.15 31.66 13.19
C GLU A 617 -35.86 30.16 13.29
N TRP A 618 -36.82 29.34 12.87
CA TRP A 618 -36.77 27.88 12.98
C TRP A 618 -35.37 27.32 12.80
N ASN A 619 -35.02 26.38 13.66
CA ASN A 619 -33.72 25.72 13.62
C ASN A 619 -33.98 24.22 13.79
N ASN A 620 -32.91 23.47 14.08
CA ASN A 620 -32.94 22.01 13.95
C ASN A 620 -34.07 21.38 14.76
N ASN A 621 -34.25 21.80 16.01
CA ASN A 621 -35.26 21.18 16.87
C ASN A 621 -36.65 21.78 16.69
N GLU A 622 -36.76 22.96 16.07
CA GLU A 622 -38.07 23.37 15.57
C GLU A 622 -38.49 22.51 14.40
N MET A 623 -37.53 22.02 13.61
CA MET A 623 -37.83 21.02 12.60
C MET A 623 -38.20 19.68 13.22
N TYR A 624 -37.68 19.41 14.42
CA TYR A 624 -38.02 18.18 15.12
C TYR A 624 -39.51 18.16 15.48
N LEU A 625 -40.01 19.27 16.03
CA LEU A 625 -41.43 19.35 16.36
C LEU A 625 -42.29 19.30 15.10
N PHE A 626 -41.82 19.88 13.99
CA PHE A 626 -42.56 19.83 12.74
C PHE A 626 -42.67 18.39 12.24
N ARG A 627 -41.55 17.65 12.26
CA ARG A 627 -41.58 16.26 11.83
C ARG A 627 -42.40 15.40 12.76
N SER A 628 -42.48 15.77 14.05
CA SER A 628 -43.38 15.09 14.97
C SER A 628 -44.82 15.51 14.77
N SER A 629 -45.05 16.77 14.34
CA SER A 629 -46.42 17.22 14.08
C SER A 629 -47.01 16.52 12.87
N ILE A 630 -46.23 16.39 11.79
CA ILE A 630 -46.72 15.67 10.62
C ILE A 630 -46.84 14.18 10.91
N ALA A 631 -45.95 13.64 11.75
CA ALA A 631 -46.07 12.25 12.17
C ALA A 631 -47.37 12.00 12.92
N TYR A 632 -47.81 12.99 13.70
CA TYR A 632 -49.10 12.86 14.38
C TYR A 632 -50.24 12.95 13.38
N ALA A 633 -50.13 13.84 12.39
CA ALA A 633 -51.18 13.96 11.38
C ALA A 633 -51.30 12.69 10.55
N MET A 634 -50.19 12.01 10.30
CA MET A 634 -50.25 10.74 9.58
C MET A 634 -50.83 9.63 10.44
N ARG A 635 -50.68 9.72 11.75
CA ARG A 635 -51.27 8.73 12.65
C ARG A 635 -52.79 8.84 12.67
N GLN A 636 -53.30 10.07 12.82
CA GLN A 636 -54.75 10.27 12.85
C GLN A 636 -55.38 9.94 11.51
N TYR A 637 -54.68 10.25 10.41
CA TYR A 637 -55.24 10.02 9.09
C TYR A 637 -55.50 8.54 8.84
N PHE A 638 -54.47 7.71 9.01
CA PHE A 638 -54.62 6.28 8.73
C PHE A 638 -55.56 5.61 9.73
N SER A 639 -55.69 6.16 10.93
CA SER A 639 -56.56 5.57 11.93
C SER A 639 -58.02 5.94 11.71
N GLU A 640 -58.28 7.18 11.30
CA GLU A 640 -59.65 7.63 11.09
C GLU A 640 -60.16 7.35 9.69
N VAL A 641 -59.31 7.54 8.68
CA VAL A 641 -59.75 7.31 7.30
C VAL A 641 -59.65 5.84 6.91
N LYS A 642 -58.66 5.11 7.44
CA LYS A 642 -58.39 3.76 7.01
C LYS A 642 -58.49 2.71 8.10
N ASN A 643 -58.78 3.11 9.35
CA ASN A 643 -58.86 2.19 10.48
C ASN A 643 -57.55 1.41 10.65
N GLN A 644 -56.43 2.07 10.42
CA GLN A 644 -55.11 1.44 10.47
C GLN A 644 -54.26 2.13 11.54
N THR A 645 -53.88 1.37 12.57
CA THR A 645 -53.00 1.87 13.60
C THR A 645 -51.55 1.69 13.13
N ILE A 646 -50.90 2.80 12.77
CA ILE A 646 -49.55 2.77 12.23
C ILE A 646 -48.71 3.79 12.98
N PRO A 647 -47.64 3.37 13.67
CA PRO A 647 -46.85 4.29 14.53
C PRO A 647 -45.81 5.14 13.79
N PHE A 648 -46.27 6.25 13.23
CA PHE A 648 -45.37 7.19 12.57
C PHE A 648 -44.57 7.97 13.60
N VAL A 649 -43.26 8.12 13.34
CA VAL A 649 -42.35 8.86 14.20
C VAL A 649 -41.63 9.91 13.35
N GLU A 650 -40.81 10.72 14.02
CA GLU A 650 -40.05 11.76 13.31
C GLU A 650 -39.10 11.17 12.28
N ASP A 651 -38.58 9.97 12.54
CA ASP A 651 -37.65 9.34 11.60
C ASP A 651 -38.33 8.94 10.30
N ASN A 652 -39.66 8.89 10.27
CA ASN A 652 -40.39 8.61 9.04
C ASN A 652 -40.59 9.85 8.18
N VAL A 653 -40.42 11.04 8.75
CA VAL A 653 -40.55 12.29 8.02
C VAL A 653 -39.15 12.71 7.58
N TRP A 654 -38.87 12.57 6.29
CA TRP A 654 -37.55 12.89 5.73
C TRP A 654 -37.59 14.28 5.11
N VAL A 655 -36.67 15.13 5.55
CA VAL A 655 -36.58 16.51 5.08
C VAL A 655 -35.40 16.62 4.12
N SER A 656 -35.65 17.17 2.92
CA SER A 656 -34.63 17.34 1.90
C SER A 656 -34.64 18.78 1.40
N ASP A 657 -33.55 19.15 0.71
CA ASP A 657 -33.38 20.49 0.15
C ASP A 657 -33.52 21.55 1.25
N LEU A 658 -33.02 21.23 2.43
CA LEU A 658 -33.19 22.09 3.60
C LEU A 658 -32.27 23.30 3.50
N LYS A 659 -32.87 24.48 3.41
CA LYS A 659 -32.16 25.73 3.58
C LYS A 659 -32.55 26.31 4.94
N PRO A 660 -31.67 26.26 5.93
CA PRO A 660 -32.08 26.55 7.32
C PRO A 660 -32.78 27.90 7.45
N ARG A 661 -33.88 27.89 8.22
CA ARG A 661 -34.71 29.04 8.58
C ARG A 661 -35.62 29.51 7.45
N ILE A 662 -35.55 28.92 6.26
CA ILE A 662 -36.30 29.46 5.12
C ILE A 662 -37.20 28.41 4.48
N SER A 663 -36.60 27.32 4.00
CA SER A 663 -37.33 26.42 3.11
C SER A 663 -36.83 25.00 3.30
N PHE A 664 -37.64 24.05 2.83
CA PHE A 664 -37.30 22.63 2.78
C PHE A 664 -38.45 21.86 2.14
N ASN A 665 -38.15 20.62 1.77
CA ASN A 665 -39.12 19.65 1.29
C ASN A 665 -39.20 18.49 2.27
N PHE A 666 -40.30 17.74 2.20
CA PHE A 666 -40.46 16.60 3.10
C PHE A 666 -41.40 15.58 2.50
N PHE A 667 -41.12 14.30 2.78
CA PHE A 667 -41.98 13.18 2.42
C PHE A 667 -42.03 12.22 3.59
N VAL A 668 -43.00 11.30 3.56
CA VAL A 668 -43.27 10.39 4.66
C VAL A 668 -43.14 8.95 4.17
N THR A 669 -42.46 8.13 4.96
CA THR A 669 -42.34 6.70 4.71
C THR A 669 -43.05 5.93 5.82
N SER A 670 -43.49 4.71 5.49
CA SER A 670 -44.13 3.87 6.48
C SER A 670 -43.09 3.29 7.44
N PRO A 671 -43.45 3.11 8.71
CA PRO A 671 -42.50 2.55 9.67
C PRO A 671 -42.04 1.16 9.27
N GLY A 672 -40.74 0.92 9.42
CA GLY A 672 -40.15 -0.34 9.01
C GLY A 672 -40.01 -0.53 7.52
N ASN A 673 -40.50 0.41 6.70
CA ASN A 673 -40.42 0.31 5.25
C ASN A 673 -40.04 1.69 4.71
N VAL A 674 -38.74 1.95 4.60
CA VAL A 674 -38.28 3.19 3.97
C VAL A 674 -38.49 3.12 2.47
N SER A 675 -38.68 1.93 1.91
CA SER A 675 -39.01 1.80 0.50
C SER A 675 -40.41 2.30 0.20
N ASP A 676 -41.33 2.15 1.16
CA ASP A 676 -42.74 2.52 0.96
C ASP A 676 -42.91 4.00 1.31
N ILE A 677 -42.94 4.85 0.29
CA ILE A 677 -43.21 6.27 0.47
C ILE A 677 -44.72 6.48 0.42
N ILE A 678 -45.25 7.14 1.45
CA ILE A 678 -46.68 7.44 1.46
C ILE A 678 -47.01 8.39 0.32
N PRO A 679 -48.06 8.15 -0.47
CA PRO A 679 -48.39 9.06 -1.57
C PRO A 679 -48.63 10.48 -1.07
N ARG A 680 -48.28 11.45 -1.92
CA ARG A 680 -48.21 12.84 -1.48
C ARG A 680 -49.60 13.42 -1.24
N THR A 681 -50.50 13.31 -2.22
CA THR A 681 -51.85 13.82 -2.03
C THR A 681 -52.57 13.12 -0.88
N GLU A 682 -52.15 11.89 -0.53
CA GLU A 682 -52.64 11.26 0.68
C GLU A 682 -52.02 11.87 1.92
N VAL A 683 -50.81 12.42 1.80
CA VAL A 683 -50.19 13.13 2.91
C VAL A 683 -50.77 14.53 3.03
N GLU A 684 -50.95 15.22 1.90
CA GLU A 684 -51.57 16.55 1.92
C GLU A 684 -52.99 16.48 2.49
N GLU A 685 -53.66 15.34 2.33
CA GLU A 685 -54.98 15.17 2.95
C GLU A 685 -54.88 15.13 4.47
N ALA A 686 -53.81 14.52 4.99
CA ALA A 686 -53.64 14.46 6.44
C ALA A 686 -53.31 15.83 7.02
N ILE A 687 -52.68 16.69 6.25
CA ILE A 687 -52.32 18.02 6.74
C ILE A 687 -53.51 18.97 6.71
N ARG A 688 -54.40 18.83 5.72
CA ARG A 688 -55.55 19.70 5.64
C ARG A 688 -56.52 19.46 6.79
N MET A 689 -56.63 18.22 7.27
CA MET A 689 -57.51 17.92 8.39
C MET A 689 -57.01 18.56 9.68
N TYR A 690 -55.71 18.77 9.81
CA TYR A 690 -55.13 19.41 10.99
C TYR A 690 -54.09 20.45 10.58
N LEU A 705 -47.12 28.52 7.61
CA LEU A 705 -46.16 28.07 6.60
C LEU A 705 -46.87 27.87 5.25
N GLU A 706 -46.09 27.80 4.18
CA GLU A 706 -46.62 27.61 2.83
C GLU A 706 -46.42 26.15 2.42
N PHE A 707 -47.34 25.66 1.57
CA PHE A 707 -47.31 24.27 1.13
C PHE A 707 -47.38 24.08 -0.37
N LEU A 708 -47.50 25.16 -1.15
CA LEU A 708 -47.45 25.10 -2.61
C LEU A 708 -48.44 24.07 -3.17
N GLY A 709 -49.72 24.35 -2.94
CA GLY A 709 -50.78 23.49 -3.45
C GLY A 709 -51.74 23.02 -2.37
N THR B 1 56.07 -36.57 8.14
CA THR B 1 54.66 -36.45 7.79
C THR B 1 53.91 -35.76 8.93
N ASN B 2 54.15 -34.45 9.05
CA ASN B 2 53.36 -33.56 9.91
C ASN B 2 52.48 -32.75 8.96
N LEU B 3 51.22 -33.17 8.80
CA LEU B 3 50.31 -32.44 7.93
C LEU B 3 49.83 -31.18 8.64
N CYS B 4 49.68 -30.10 7.86
CA CYS B 4 49.37 -28.81 8.46
C CYS B 4 47.98 -28.85 9.09
N PRO B 5 47.80 -28.31 10.30
CA PRO B 5 46.48 -28.38 10.95
C PRO B 5 45.46 -27.45 10.33
N PHE B 6 44.94 -27.81 9.16
CA PHE B 6 43.86 -27.04 8.54
C PHE B 6 42.51 -27.35 9.15
N GLY B 7 42.37 -28.47 9.84
CA GLY B 7 41.10 -28.81 10.47
C GLY B 7 40.76 -27.87 11.62
N GLU B 8 41.77 -27.46 12.39
CA GLU B 8 41.51 -26.58 13.52
C GLU B 8 41.10 -25.17 13.08
N VAL B 9 41.46 -24.77 11.87
CA VAL B 9 41.08 -23.45 11.36
C VAL B 9 39.72 -23.48 10.68
N PHE B 10 39.50 -24.47 9.81
CA PHE B 10 38.25 -24.52 9.04
C PHE B 10 37.14 -25.17 9.85
N ASN B 11 37.41 -26.32 10.47
CA ASN B 11 36.42 -27.07 11.24
C ASN B 11 36.22 -26.53 12.65
N ALA B 12 36.70 -25.32 12.95
CA ALA B 12 36.52 -24.76 14.28
C ALA B 12 35.03 -24.57 14.58
N THR B 13 34.64 -24.91 15.81
CA THR B 13 33.23 -24.82 16.19
C THR B 13 32.75 -23.38 16.22
N ARG B 14 33.62 -22.44 16.59
CA ARG B 14 33.25 -21.03 16.65
C ARG B 14 34.38 -20.19 16.08
N PHE B 15 34.03 -19.23 15.25
CA PHE B 15 34.99 -18.30 14.68
C PHE B 15 34.98 -16.99 15.46
N ALA B 16 35.98 -16.16 15.19
CA ALA B 16 36.11 -14.87 15.85
C ALA B 16 35.45 -13.78 15.01
N SER B 17 34.96 -12.75 15.69
CA SER B 17 34.45 -11.58 15.00
C SER B 17 35.59 -10.86 14.28
N VAL B 18 35.24 -10.28 13.13
CA VAL B 18 36.24 -9.78 12.18
C VAL B 18 37.06 -8.65 12.78
N TYR B 19 36.44 -7.82 13.63
CA TYR B 19 37.18 -6.75 14.29
C TYR B 19 38.31 -7.30 15.14
N ALA B 20 38.18 -8.54 15.61
CA ALA B 20 39.25 -9.24 16.31
C ALA B 20 39.62 -10.51 15.58
N TRP B 21 39.79 -10.42 14.26
CA TRP B 21 40.04 -11.59 13.43
C TRP B 21 41.21 -12.40 13.96
N ASN B 22 41.03 -13.72 13.99
CA ASN B 22 42.01 -14.63 14.57
C ASN B 22 42.99 -15.11 13.50
N ARG B 23 44.28 -15.15 13.87
CA ARG B 23 45.34 -15.59 12.97
C ARG B 23 46.12 -16.72 13.63
N LYS B 24 46.35 -17.78 12.86
CA LYS B 24 47.17 -18.91 13.30
C LYS B 24 48.31 -19.10 12.31
N ARG B 25 49.53 -19.22 12.83
CA ARG B 25 50.71 -19.37 11.99
C ARG B 25 51.01 -20.85 11.77
N ILE B 26 51.15 -21.23 10.50
CA ILE B 26 51.34 -22.60 10.08
C ILE B 26 52.77 -22.74 9.56
N SER B 27 53.54 -23.67 10.14
CA SER B 27 54.95 -23.75 9.82
C SER B 27 55.46 -25.18 9.95
N ASN B 28 56.45 -25.50 9.10
CA ASN B 28 57.19 -26.76 9.11
C ASN B 28 56.24 -27.95 9.14
N CYS B 29 55.35 -27.97 8.16
CA CYS B 29 54.40 -29.06 8.02
C CYS B 29 54.18 -29.32 6.54
N VAL B 30 53.40 -30.35 6.26
CA VAL B 30 53.06 -30.73 4.89
C VAL B 30 51.61 -30.35 4.64
N ALA B 31 51.39 -29.47 3.68
CA ALA B 31 50.06 -28.96 3.39
C ALA B 31 49.51 -29.64 2.14
N ASP B 32 48.39 -30.35 2.31
CA ASP B 32 47.60 -30.81 1.19
C ASP B 32 46.59 -29.71 0.87
N TYR B 33 46.73 -29.10 -0.30
CA TYR B 33 45.76 -28.12 -0.74
C TYR B 33 44.62 -28.74 -1.53
N SER B 34 44.75 -30.03 -1.90
CA SER B 34 43.67 -30.72 -2.59
C SER B 34 42.41 -30.81 -1.74
N VAL B 35 42.57 -30.93 -0.42
CA VAL B 35 41.39 -31.00 0.45
C VAL B 35 40.61 -29.69 0.43
N LEU B 36 41.22 -28.59 0.00
CA LEU B 36 40.60 -27.28 0.08
C LEU B 36 39.93 -26.86 -1.23
N TYR B 37 40.68 -26.85 -2.34
CA TYR B 37 40.07 -26.41 -3.59
C TYR B 37 39.15 -27.47 -4.17
N ASN B 38 39.52 -28.75 -4.08
CA ASN B 38 38.66 -29.81 -4.58
C ASN B 38 37.42 -30.04 -3.73
N SER B 39 37.19 -29.22 -2.71
CA SER B 39 36.02 -29.34 -1.85
C SER B 39 34.90 -28.45 -2.37
N ALA B 40 33.70 -29.03 -2.49
CA ALA B 40 32.53 -28.29 -2.93
C ALA B 40 31.83 -27.57 -1.78
N SER B 41 32.48 -27.44 -0.63
CA SER B 41 31.86 -26.81 0.53
C SER B 41 31.95 -25.29 0.51
N PHE B 42 32.86 -24.72 -0.29
CA PHE B 42 33.16 -23.30 -0.25
C PHE B 42 32.50 -22.58 -1.42
N SER B 43 31.88 -21.43 -1.12
CA SER B 43 31.29 -20.59 -2.16
C SER B 43 32.30 -19.64 -2.79
N THR B 44 33.45 -19.43 -2.14
CA THR B 44 34.44 -18.46 -2.60
C THR B 44 35.82 -19.07 -2.44
N PHE B 45 36.55 -19.21 -3.54
CA PHE B 45 37.92 -19.72 -3.51
C PHE B 45 38.80 -18.88 -4.42
N LYS B 46 38.69 -17.55 -4.30
CA LYS B 46 39.49 -16.65 -5.12
C LYS B 46 40.90 -16.56 -4.56
N CYS B 47 41.89 -16.83 -5.40
CA CYS B 47 43.29 -16.74 -5.04
C CYS B 47 43.97 -15.62 -5.82
N TYR B 48 44.97 -15.00 -5.19
CA TYR B 48 45.67 -13.88 -5.78
C TYR B 48 47.17 -14.15 -5.74
N GLY B 49 47.86 -13.83 -6.83
CA GLY B 49 49.28 -14.11 -6.93
C GLY B 49 49.56 -15.58 -7.10
N VAL B 50 49.12 -16.38 -6.11
CA VAL B 50 49.15 -17.82 -6.21
C VAL B 50 47.92 -18.27 -6.98
N SER B 51 47.90 -19.54 -7.39
CA SER B 51 46.76 -20.13 -8.05
C SER B 51 46.26 -21.33 -7.26
N PRO B 52 44.97 -21.68 -7.38
CA PRO B 52 44.49 -22.91 -6.72
C PRO B 52 45.29 -24.13 -7.12
N THR B 53 45.44 -24.38 -8.42
CA THR B 53 46.41 -25.35 -8.89
C THR B 53 47.81 -24.74 -8.83
N LYS B 54 48.81 -25.59 -9.05
CA LYS B 54 50.22 -25.20 -8.91
C LYS B 54 50.50 -24.63 -7.52
N LEU B 55 49.92 -25.27 -6.49
CA LEU B 55 50.14 -24.88 -5.12
C LEU B 55 50.77 -25.97 -4.27
N ASN B 56 50.63 -27.25 -4.64
CA ASN B 56 51.36 -28.33 -4.02
C ASN B 56 52.79 -28.47 -4.55
N ASP B 57 53.21 -27.55 -5.41
CA ASP B 57 54.55 -27.57 -5.97
C ASP B 57 55.41 -26.41 -5.52
N LEU B 58 54.92 -25.57 -4.61
CA LEU B 58 55.66 -24.43 -4.09
C LEU B 58 56.01 -24.64 -2.62
N CYS B 59 56.84 -23.74 -2.10
CA CYS B 59 57.34 -23.82 -0.74
C CYS B 59 57.39 -22.42 -0.14
N PHE B 60 56.70 -22.23 0.97
CA PHE B 60 56.64 -20.93 1.65
C PHE B 60 57.23 -21.05 3.04
N THR B 61 57.81 -19.93 3.53
CA THR B 61 58.47 -19.95 4.82
C THR B 61 57.50 -19.87 5.99
N ASN B 62 56.27 -19.42 5.74
CA ASN B 62 55.18 -19.53 6.71
C ASN B 62 53.86 -19.46 5.94
N VAL B 63 52.78 -19.85 6.62
CA VAL B 63 51.43 -19.70 6.07
C VAL B 63 50.53 -19.22 7.20
N TYR B 64 49.89 -18.07 7.00
CA TYR B 64 48.96 -17.52 7.97
C TYR B 64 47.52 -17.77 7.52
N ALA B 65 46.68 -18.19 8.46
CA ALA B 65 45.28 -18.50 8.19
C ALA B 65 44.40 -17.57 9.02
N ASP B 66 43.98 -16.47 8.40
CA ASP B 66 43.09 -15.51 9.06
C ASP B 66 41.64 -15.97 8.87
N SER B 67 40.98 -16.32 9.97
CA SER B 67 39.61 -16.82 9.94
C SER B 67 38.70 -15.85 10.69
N PHE B 68 37.52 -15.60 10.13
CA PHE B 68 36.59 -14.64 10.70
C PHE B 68 35.22 -14.84 10.05
N VAL B 69 34.23 -14.07 10.51
CA VAL B 69 32.85 -14.20 10.07
C VAL B 69 32.29 -12.82 9.72
N ILE B 70 31.83 -12.66 8.48
CA ILE B 70 31.12 -11.47 8.03
C ILE B 70 29.78 -11.90 7.44
N ARG B 71 29.03 -10.91 6.95
CA ARG B 71 27.81 -11.17 6.22
C ARG B 71 28.13 -11.57 4.78
N GLY B 72 27.12 -12.07 4.08
CA GLY B 72 27.28 -12.42 2.68
C GLY B 72 27.50 -11.21 1.79
N ASP B 73 26.93 -10.06 2.18
CA ASP B 73 27.10 -8.83 1.40
C ASP B 73 28.54 -8.32 1.43
N GLU B 74 29.30 -8.68 2.47
CA GLU B 74 30.63 -8.11 2.70
C GLU B 74 31.76 -9.04 2.34
N VAL B 75 31.47 -10.23 1.80
CA VAL B 75 32.55 -11.13 1.39
C VAL B 75 33.32 -10.56 0.21
N ARG B 76 32.65 -9.78 -0.65
CA ARG B 76 33.32 -9.15 -1.77
C ARG B 76 34.36 -8.14 -1.32
N GLN B 77 34.23 -7.60 -0.11
CA GLN B 77 35.20 -6.64 0.40
C GLN B 77 36.51 -7.29 0.83
N ILE B 78 36.55 -8.61 0.95
CA ILE B 78 37.79 -9.32 1.31
C ILE B 78 38.53 -9.58 0.02
N ALA B 79 39.25 -8.56 -0.44
CA ALA B 79 39.97 -8.58 -1.72
C ALA B 79 40.88 -7.35 -1.80
N PRO B 80 41.97 -7.42 -2.56
CA PRO B 80 42.85 -6.25 -2.69
C PRO B 80 42.15 -5.11 -3.39
N GLY B 81 42.30 -3.91 -2.83
CA GLY B 81 41.78 -2.71 -3.44
C GLY B 81 40.31 -2.44 -3.23
N GLN B 82 39.67 -3.13 -2.29
CA GLN B 82 38.25 -2.97 -2.03
C GLN B 82 38.00 -1.97 -0.90
N THR B 83 36.80 -1.39 -0.92
CA THR B 83 36.40 -0.38 0.05
C THR B 83 35.09 -0.81 0.71
N GLY B 84 34.97 -0.51 1.99
CA GLY B 84 33.76 -0.83 2.74
C GLY B 84 34.06 -0.92 4.22
N LYS B 85 32.98 -1.05 5.00
CA LYS B 85 33.11 -1.08 6.45
C LYS B 85 34.05 -2.20 6.91
N ILE B 86 34.08 -3.31 6.19
CA ILE B 86 34.95 -4.42 6.56
C ILE B 86 36.39 -4.15 6.12
N ALA B 87 36.57 -3.77 4.85
CA ALA B 87 37.92 -3.56 4.35
C ALA B 87 38.55 -2.29 4.93
N ASP B 88 37.75 -1.28 5.24
CA ASP B 88 38.30 -0.04 5.78
C ASP B 88 38.56 -0.14 7.27
N TYR B 89 37.64 -0.74 8.02
CA TYR B 89 37.66 -0.66 9.48
C TYR B 89 37.98 -1.98 10.18
N ASN B 90 37.78 -3.11 9.51
CA ASN B 90 37.86 -4.41 10.17
C ASN B 90 39.02 -5.27 9.70
N TYR B 91 39.13 -5.52 8.40
CA TYR B 91 40.17 -6.41 7.87
C TYR B 91 40.52 -5.94 6.46
N LYS B 92 41.75 -5.47 6.28
CA LYS B 92 42.22 -4.93 5.01
C LYS B 92 43.34 -5.78 4.47
N LEU B 93 43.25 -6.14 3.20
CA LEU B 93 44.28 -6.90 2.50
C LEU B 93 45.09 -5.99 1.60
N PRO B 94 46.40 -6.21 1.48
CA PRO B 94 47.24 -5.29 0.70
C PRO B 94 46.93 -5.37 -0.78
N ASP B 95 47.36 -4.32 -1.50
CA ASP B 95 47.15 -4.27 -2.94
C ASP B 95 47.92 -5.37 -3.65
N ASP B 96 49.10 -5.73 -3.15
CA ASP B 96 49.91 -6.79 -3.71
C ASP B 96 49.72 -8.11 -2.97
N PHE B 97 48.51 -8.36 -2.47
CA PHE B 97 48.27 -9.55 -1.67
C PHE B 97 48.46 -10.82 -2.50
N THR B 98 49.23 -11.76 -1.95
CA THR B 98 49.47 -13.06 -2.58
C THR B 98 48.94 -14.14 -1.64
N GLY B 99 47.80 -14.72 -2.00
CA GLY B 99 47.18 -15.74 -1.17
C GLY B 99 45.81 -16.08 -1.70
N CYS B 100 45.05 -16.79 -0.88
CA CYS B 100 43.72 -17.26 -1.23
C CYS B 100 42.71 -16.80 -0.20
N VAL B 101 41.53 -16.40 -0.67
CA VAL B 101 40.41 -16.02 0.17
C VAL B 101 39.34 -17.10 0.04
N ILE B 102 38.99 -17.74 1.15
CA ILE B 102 38.05 -18.84 1.17
C ILE B 102 36.88 -18.46 2.06
N ALA B 103 35.65 -18.69 1.57
CA ALA B 103 34.46 -18.36 2.32
C ALA B 103 33.37 -19.36 1.99
N TRP B 104 32.43 -19.52 2.92
CA TRP B 104 31.30 -20.42 2.73
C TRP B 104 30.16 -20.01 3.64
N ASN B 105 28.94 -20.33 3.23
CA ASN B 105 27.76 -19.99 4.01
C ASN B 105 27.74 -20.82 5.30
N SER B 106 27.39 -20.16 6.40
CA SER B 106 27.29 -20.80 7.71
C SER B 106 25.99 -20.40 8.40
N ASN B 107 24.90 -20.32 7.63
CA ASN B 107 23.59 -20.20 8.24
C ASN B 107 23.28 -21.40 9.13
N ASN B 108 23.87 -22.56 8.81
CA ASN B 108 23.66 -23.77 9.60
C ASN B 108 24.17 -23.59 11.03
N LEU B 109 25.19 -22.78 11.23
CA LEU B 109 25.93 -22.76 12.49
C LEU B 109 25.86 -21.43 13.23
N ASP B 110 25.86 -20.31 12.50
CA ASP B 110 26.05 -19.00 13.12
C ASP B 110 24.78 -18.17 13.22
N SER B 111 23.63 -18.70 12.77
CA SER B 111 22.36 -18.01 12.89
C SER B 111 21.43 -18.79 13.80
N LYS B 112 20.60 -18.06 14.54
CA LYS B 112 19.71 -18.66 15.52
C LYS B 112 18.38 -17.93 15.52
N VAL B 113 17.31 -18.67 15.83
CA VAL B 113 15.99 -18.06 15.93
C VAL B 113 15.98 -17.09 17.10
N GLY B 114 15.45 -15.88 16.85
CA GLY B 114 15.54 -14.79 17.79
C GLY B 114 16.73 -13.89 17.55
N GLY B 115 17.80 -14.43 16.97
CA GLY B 115 18.97 -13.63 16.66
C GLY B 115 20.26 -14.17 17.28
N ASN B 116 21.36 -14.05 16.56
CA ASN B 116 22.69 -14.39 17.06
C ASN B 116 23.52 -13.12 17.02
N TYR B 117 23.83 -12.58 18.20
CA TYR B 117 24.49 -11.28 18.31
C TYR B 117 25.90 -11.40 18.87
N ASN B 118 26.52 -12.58 18.77
CA ASN B 118 27.87 -12.77 19.29
C ASN B 118 28.95 -12.30 18.32
N TYR B 119 28.61 -12.09 17.05
CA TYR B 119 29.58 -11.64 16.06
C TYR B 119 29.49 -10.12 15.93
N LEU B 120 30.65 -9.46 16.00
CA LEU B 120 30.72 -8.01 16.02
C LEU B 120 31.53 -7.50 14.83
N TYR B 121 31.41 -6.20 14.59
CA TYR B 121 32.16 -5.52 13.55
C TYR B 121 32.29 -4.05 13.91
N ARG B 122 33.39 -3.44 13.50
CA ARG B 122 33.63 -2.03 13.79
C ARG B 122 32.91 -1.17 12.77
N LEU B 123 32.14 -0.20 13.26
CA LEU B 123 31.36 0.68 12.40
C LEU B 123 31.99 2.05 12.20
N PHE B 124 32.76 2.54 13.17
CA PHE B 124 33.36 3.86 13.09
C PHE B 124 34.83 3.79 13.49
N ARG B 125 35.66 4.53 12.75
CA ARG B 125 37.09 4.59 13.01
C ARG B 125 37.64 5.88 12.41
N LYS B 126 38.63 6.46 13.08
CA LYS B 126 39.16 7.75 12.65
C LYS B 126 39.89 7.65 11.32
N SER B 127 40.45 6.49 11.00
CA SER B 127 41.17 6.31 9.75
C SER B 127 41.06 4.86 9.30
N ASN B 128 41.37 4.63 8.03
CA ASN B 128 41.30 3.28 7.48
C ASN B 128 42.46 2.44 8.00
N LEU B 129 42.22 1.12 8.07
CA LEU B 129 43.24 0.20 8.53
C LEU B 129 44.33 0.03 7.49
N LYS B 130 45.56 -0.11 7.96
CA LYS B 130 46.64 -0.55 7.09
C LYS B 130 46.53 -2.05 6.86
N PRO B 131 47.11 -2.55 5.77
CA PRO B 131 46.96 -3.98 5.45
C PRO B 131 47.42 -4.88 6.60
N PHE B 132 46.58 -5.86 6.93
CA PHE B 132 46.85 -6.86 7.96
C PHE B 132 46.98 -6.25 9.35
N GLU B 133 46.39 -5.07 9.57
CA GLU B 133 46.33 -4.47 10.89
C GLU B 133 45.03 -4.85 11.58
N ARG B 134 45.11 -5.02 12.90
CA ARG B 134 43.96 -5.38 13.72
C ARG B 134 43.71 -4.28 14.75
N ASP B 135 42.44 -3.92 14.91
CA ASP B 135 42.02 -2.89 15.86
C ASP B 135 40.95 -3.47 16.78
N ILE B 136 41.34 -3.75 18.03
CA ILE B 136 40.39 -4.26 19.02
C ILE B 136 40.07 -3.13 20.00
N SER B 137 40.20 -1.89 19.53
CA SER B 137 39.90 -0.75 20.37
C SER B 137 38.43 -0.72 20.75
N THR B 138 38.14 0.01 21.84
CA THR B 138 36.78 0.14 22.33
C THR B 138 36.49 1.57 22.78
N GLU B 139 37.33 2.54 22.42
CA GLU B 139 37.08 3.92 22.78
C GLU B 139 35.85 4.45 22.06
N ILE B 140 35.15 5.38 22.70
CA ILE B 140 33.96 5.96 22.12
C ILE B 140 34.36 6.85 20.95
N TYR B 141 33.83 6.56 19.77
CA TYR B 141 34.12 7.35 18.58
C TYR B 141 33.45 8.71 18.69
N GLN B 142 34.25 9.77 18.59
CA GLN B 142 33.75 11.15 18.63
C GLN B 142 33.67 11.63 17.18
N ALA B 143 32.45 11.85 16.69
CA ALA B 143 32.27 12.33 15.33
C ALA B 143 32.27 13.85 15.24
N GLY B 144 31.88 14.53 16.32
CA GLY B 144 31.78 15.98 16.34
C GLY B 144 32.98 16.63 17.00
N SER B 145 32.71 17.72 17.73
CA SER B 145 33.75 18.51 18.36
C SER B 145 33.73 18.42 19.88
N THR B 146 32.77 17.71 20.46
CA THR B 146 32.74 17.66 21.91
C THR B 146 33.31 16.34 22.42
N PRO B 147 34.03 16.37 23.54
CA PRO B 147 34.58 15.12 24.08
C PRO B 147 33.48 14.19 24.56
N CYS B 148 33.68 12.89 24.32
CA CYS B 148 32.68 11.89 24.69
C CYS B 148 32.75 11.51 26.16
N ASN B 149 33.91 11.68 26.81
CA ASN B 149 34.12 11.31 28.20
C ASN B 149 33.84 9.81 28.43
N GLY B 150 34.08 8.99 27.40
CA GLY B 150 33.94 7.56 27.52
C GLY B 150 32.52 7.05 27.62
N VAL B 151 31.52 7.90 27.38
CA VAL B 151 30.13 7.48 27.42
C VAL B 151 29.48 7.78 26.09
N GLU B 152 28.54 6.94 25.69
CA GLU B 152 27.83 7.15 24.42
C GLU B 152 26.91 8.34 24.56
N GLY B 153 26.83 9.13 23.54
CA GLY B 153 25.99 10.31 23.54
C GLY B 153 25.74 10.84 22.15
N PHE B 154 25.40 12.12 22.08
CA PHE B 154 25.15 12.77 20.80
C PHE B 154 26.47 13.02 20.08
N ASN B 155 26.53 12.57 18.84
CA ASN B 155 27.75 12.60 18.00
C ASN B 155 28.88 11.85 18.67
N CYS B 156 28.58 10.90 19.57
CA CYS B 156 29.56 10.08 20.29
C CYS B 156 28.99 8.66 20.35
N TYR B 157 29.46 7.80 19.47
CA TYR B 157 28.89 6.47 19.31
C TYR B 157 29.91 5.40 19.68
N PHE B 158 29.39 4.29 20.20
CA PHE B 158 30.22 3.12 20.45
C PHE B 158 30.66 2.52 19.13
N PRO B 159 31.96 2.25 18.95
CA PRO B 159 32.44 1.90 17.60
C PRO B 159 32.04 0.51 17.12
N LEU B 160 31.88 -0.44 18.03
CA LEU B 160 31.65 -1.83 17.66
C LEU B 160 30.16 -2.15 17.69
N GLN B 161 29.67 -2.78 16.62
CA GLN B 161 28.27 -3.16 16.49
C GLN B 161 28.17 -4.66 16.29
N SER B 162 27.00 -5.21 16.62
CA SER B 162 26.76 -6.64 16.52
C SER B 162 25.99 -6.97 15.25
N TYR B 163 26.22 -8.17 14.73
CA TYR B 163 25.47 -8.66 13.59
C TYR B 163 24.15 -9.26 14.05
N GLY B 164 23.12 -9.09 13.23
CA GLY B 164 21.85 -9.74 13.47
C GLY B 164 21.69 -10.96 12.58
N PHE B 165 21.88 -12.14 13.14
CA PHE B 165 21.94 -13.39 12.36
C PHE B 165 20.74 -14.27 12.75
N GLN B 166 19.63 -14.07 12.06
CA GLN B 166 18.50 -14.98 12.10
C GLN B 166 18.52 -15.89 10.88
N PRO B 167 18.09 -17.15 11.00
CA PRO B 167 18.14 -18.05 9.84
C PRO B 167 17.20 -17.66 8.71
N THR B 168 16.25 -16.77 8.97
CA THR B 168 15.27 -16.37 7.96
C THR B 168 15.74 -15.21 7.10
N ASN B 169 16.93 -14.67 7.34
CA ASN B 169 17.45 -13.60 6.52
C ASN B 169 17.74 -14.09 5.10
N GLY B 170 17.78 -13.16 4.17
CA GLY B 170 18.32 -13.46 2.85
C GLY B 170 19.80 -13.79 2.94
N VAL B 171 20.29 -14.48 1.91
CA VAL B 171 21.68 -14.92 1.89
C VAL B 171 22.64 -13.73 1.93
N GLY B 172 22.19 -12.55 1.47
CA GLY B 172 23.02 -11.37 1.58
C GLY B 172 23.31 -10.97 3.01
N TYR B 173 22.38 -11.25 3.92
CA TYR B 173 22.54 -10.93 5.34
C TYR B 173 22.93 -12.15 6.17
N GLN B 174 23.09 -13.32 5.55
CA GLN B 174 23.42 -14.54 6.27
C GLN B 174 24.91 -14.57 6.62
N PRO B 175 25.27 -15.29 7.68
CA PRO B 175 26.69 -15.34 8.08
C PRO B 175 27.52 -16.21 7.16
N TYR B 176 28.70 -15.68 6.80
CA TYR B 176 29.66 -16.39 5.96
C TYR B 176 30.97 -16.49 6.71
N ARG B 177 31.47 -17.72 6.88
CA ARG B 177 32.75 -17.95 7.55
C ARG B 177 33.87 -17.83 6.52
N VAL B 178 34.78 -16.89 6.74
CA VAL B 178 35.83 -16.56 5.78
C VAL B 178 37.17 -17.01 6.34
N VAL B 179 38.00 -17.62 5.50
CA VAL B 179 39.37 -17.99 5.82
C VAL B 179 40.28 -17.40 4.75
N VAL B 180 41.29 -16.66 5.18
CA VAL B 180 42.22 -15.99 4.28
C VAL B 180 43.60 -16.59 4.51
N LEU B 181 44.11 -17.29 3.50
CA LEU B 181 45.44 -17.90 3.57
C LEU B 181 46.45 -16.94 2.95
N SER B 182 47.42 -16.50 3.73
CA SER B 182 48.51 -15.66 3.25
C SER B 182 49.79 -16.49 3.19
N PHE B 183 50.52 -16.36 2.10
CA PHE B 183 51.70 -17.16 1.84
C PHE B 183 52.96 -16.32 2.03
N GLU B 184 53.94 -16.88 2.73
CA GLU B 184 55.10 -16.14 3.20
C GLU B 184 56.37 -16.74 2.63
N LEU B 185 57.11 -15.94 1.86
CA LEU B 185 58.42 -16.32 1.32
C LEU B 185 59.41 -15.24 1.68
N LEU B 186 60.38 -15.58 2.52
CA LEU B 186 61.29 -14.62 3.15
C LEU B 186 62.73 -15.04 3.00
N HIS B 187 63.61 -14.44 3.80
CA HIS B 187 65.02 -14.82 3.87
C HIS B 187 65.16 -16.10 4.68
N ALA B 188 64.06 -16.82 4.85
CA ALA B 188 63.83 -17.83 5.87
C ALA B 188 63.89 -19.27 5.30
N PRO B 189 63.93 -20.29 6.20
CA PRO B 189 64.11 -21.68 5.75
C PRO B 189 63.05 -22.30 4.84
N ALA B 190 61.98 -21.58 4.49
CA ALA B 190 60.91 -22.12 3.64
C ALA B 190 60.24 -23.34 4.27
N THR B 191 59.53 -23.07 5.38
CA THR B 191 58.96 -24.14 6.20
C THR B 191 58.00 -25.03 5.42
N VAL B 192 56.87 -24.48 4.96
CA VAL B 192 55.73 -25.26 4.51
C VAL B 192 55.83 -25.51 3.01
N CYS B 193 55.81 -26.78 2.60
CA CYS B 193 55.75 -27.10 1.18
C CYS B 193 54.50 -27.87 0.79
N GLY B 194 54.38 -29.14 1.20
CA GLY B 194 53.28 -29.98 0.79
C GLY B 194 53.53 -30.62 -0.57
N PRO B 195 53.66 -31.96 -0.63
CA PRO B 195 53.54 -32.59 -1.96
C PRO B 195 52.10 -32.66 -2.46
#